data_1ETL
# 
_entry.id   1ETL 
# 
_audit_conform.dict_name       mmcif_pdbx.dic 
_audit_conform.dict_version    5.351 
_audit_conform.dict_location   http://mmcif.pdb.org/dictionaries/ascii/mmcif_pdbx.dic 
# 
loop_
_database_2.database_id 
_database_2.database_code 
_database_2.pdbx_database_accession 
_database_2.pdbx_DOI 
PDB   1ETL         pdb_00001etl 10.2210/pdb1etl/pdb 
WWPDB D_1000173164 ?            ?                   
# 
_pdbx_database_status.status_code                     REL 
_pdbx_database_status.entry_id                        1ETL 
_pdbx_database_status.recvd_initial_deposition_date   1994-03-15 
_pdbx_database_status.deposit_site                    ? 
_pdbx_database_status.process_site                    BNL 
_pdbx_database_status.SG_entry                        . 
_pdbx_database_status.status_code_sf                  REL 
_pdbx_database_status.status_code_mr                  ? 
_pdbx_database_status.status_code_cs                  ? 
_pdbx_database_status.pdb_format_compatible           Y 
_pdbx_database_status.methods_development_category    ? 
_pdbx_database_status.status_code_nmr_data            ? 
# 
loop_
_audit_author.name 
_audit_author.pdbx_ordinal 
'Sato, T.'       1 
'Shimonishi, Y.' 2 
# 
loop_
_citation.id 
_citation.title 
_citation.journal_abbrev 
_citation.journal_volume 
_citation.page_first 
_citation.page_last 
_citation.year 
_citation.journal_id_ASTM 
_citation.country 
_citation.journal_id_ISSN 
_citation.journal_id_CSD 
_citation.book_publisher 
_citation.pdbx_database_id_PubMed 
_citation.pdbx_database_id_DOI 
primary 
;Structural characteristics for biological activity of heat-stable enterotoxin produced by enterotoxigenic Escherichia coli: X-ray crystallography of weakly toxic and nontoxic analogs.
;
Biochemistry       33  8641 8650 1994 BICHAW US 0006-2960 0033 ? 8038153 10.1021/bi00195a004 
1       
;Semi-Preparative Purification and Crystallization of Synthetic Analogs of Heat-Stable Enterotoxin of Enterotoxigenic Escherichia Coli
;
Bull.Chem.Soc.Jpn. 65  938  ?    1992 BCSJA8 JA 0009-2673 0007 ? ?       ?                   
2       'Molecular Structure of the Toxic Domain of Heat-Stable Enterotoxin Produced by a Pathogenic Strain of Escherichia Coli' 
J.Biol.Chem.       266 5934 ?    1991 JBCHA3 US 0021-9258 0071 ? ?       ?                   
3       
;Structure-Activity Relationship of Escherichia Coli Heat-Stable Enterotoxin: Role of Ala Residue at Position 14 in Toxin-Receptor Interaction
;
Bull.Chem.Soc.Jpn. 63  2063 ?    1990 BCSJA8 JA 0009-2673 0007 ? ?       ?                   
4       
'Essential Structure for Full Enterotoxigenic Activity of Heat-Stable Enterotoxin Produced by Enterotoxigenic Escherichia Coli' 
'FEBS Lett.'       181 138  ?    1985 FEBLAL NE 0014-5793 0165 ? ?       ?                   
# 
loop_
_citation_author.citation_id 
_citation_author.name 
_citation_author.ordinal 
_citation_author.identifier_ORCID 
primary 'Sato, T.'       1  ? 
primary 'Ozaki, H.'      2  ? 
primary 'Hata, Y.'       3  ? 
primary 'Kitagawa, Y.'   4  ? 
primary 'Katsube, Y.'    5  ? 
primary 'Shimonishi, Y.' 6  ? 
1       'Sato, T.'       7  ? 
1       'Ito, H.'        8  ? 
1       'Takeda, Y.'     9  ? 
1       'Shimonishi, Y.' 10 ? 
2       'Ozaki, H.'      11 ? 
2       'Sato, T.'       12 ? 
2       'Kubota, H.'     13 ? 
2       'Hata, Y.'       14 ? 
2       'Katsube, Y.'    15 ? 
2       'Shimonishi, Y.' 16 ? 
3       'Yamasaki, S.'   17 ? 
3       'Sato, T.'       18 ? 
3       'Hidaka, Y.'     19 ? 
3       'Ozaki, H.'      20 ? 
3       'Ito, H.'        21 ? 
3       'Hirayama, T.'   22 ? 
3       'Takeda, Y.'     23 ? 
3       'Sugimura, T.'   24 ? 
3       'Tai, A.'        25 ? 
3       'Shimonishi, Y.' 26 ? 
4       'Yoshimura, S.'  27 ? 
4       'Ikemura, H.'    28 ? 
4       'Watanabe, H.'   29 ? 
4       'Aimoto, S.'     30 ? 
4       'Shimonishi, Y.' 31 ? 
4       'Hara, S.'       32 ? 
4       'Takeda, T.'     33 ? 
4       'Miwatani, T.'   34 ? 
4       'Takeda, Y.'     35 ? 
# 
_cell.entry_id           1ETL 
_cell.length_a           21.928 
_cell.length_b           10.219 
_cell.length_c           17.891 
_cell.angle_alpha        90.00 
_cell.angle_beta         111.71 
_cell.angle_gamma        90.00 
_cell.Z_PDB              2 
_cell.pdbx_unique_axis   ? 
# 
_symmetry.entry_id                         1ETL 
_symmetry.space_group_name_H-M             'P 1 21 1' 
_symmetry.pdbx_full_space_group_name_H-M   ? 
_symmetry.cell_setting                     ? 
_symmetry.Int_Tables_number                4 
# 
loop_
_entity.id 
_entity.type 
_entity.src_method 
_entity.pdbx_description 
_entity.formula_weight 
_entity.pdbx_number_of_molecules 
_entity.pdbx_ec 
_entity.pdbx_mutation 
_entity.pdbx_fragment 
_entity.details 
1 polymer man '5-BETA-MERCAPTOPROPIONATE HEAT-STABLE ENTEROTOXIN' 1244.529 1  ? A13G ? ? 
2 water   nat water                                               18.015   13 ? ?    ? ? 
# 
_entity_name_com.entity_id   1 
_entity_name_com.name        '(MPR==5==,GLY==13==)STP(5-17)' 
# 
_entity_poly.entity_id                      1 
_entity_poly.type                           'polypeptide(L)' 
_entity_poly.nstd_linkage                   no 
_entity_poly.nstd_monomer                   yes 
_entity_poly.pdbx_seq_one_letter_code       '(MPR)CELCCNPGCAGC' 
_entity_poly.pdbx_seq_one_letter_code_can   XCELCCNPGCAGC 
_entity_poly.pdbx_strand_id                 A 
_entity_poly.pdbx_target_identifier         ? 
# 
loop_
_entity_poly_seq.entity_id 
_entity_poly_seq.num 
_entity_poly_seq.mon_id 
_entity_poly_seq.hetero 
1 1  MPR n 
1 2  CYS n 
1 3  GLU n 
1 4  LEU n 
1 5  CYS n 
1 6  CYS n 
1 7  ASN n 
1 8  PRO n 
1 9  GLY n 
1 10 CYS n 
1 11 ALA n 
1 12 GLY n 
1 13 CYS n 
# 
_entity_src_gen.entity_id                          1 
_entity_src_gen.pdbx_src_id                        1 
_entity_src_gen.pdbx_alt_source_flag               sample 
_entity_src_gen.pdbx_seq_type                      ? 
_entity_src_gen.pdbx_beg_seq_num                   ? 
_entity_src_gen.pdbx_end_seq_num                   ? 
_entity_src_gen.gene_src_common_name               ? 
_entity_src_gen.gene_src_genus                     Escherichia 
_entity_src_gen.pdbx_gene_src_gene                 ? 
_entity_src_gen.gene_src_species                   ? 
_entity_src_gen.gene_src_strain                    18D 
_entity_src_gen.gene_src_tissue                    ? 
_entity_src_gen.gene_src_tissue_fraction           ? 
_entity_src_gen.gene_src_details                   ? 
_entity_src_gen.pdbx_gene_src_fragment             ? 
_entity_src_gen.pdbx_gene_src_scientific_name      'Escherichia coli' 
_entity_src_gen.pdbx_gene_src_ncbi_taxonomy_id     562 
_entity_src_gen.pdbx_gene_src_variant              ? 
_entity_src_gen.pdbx_gene_src_cell_line            ? 
_entity_src_gen.pdbx_gene_src_atcc                 ? 
_entity_src_gen.pdbx_gene_src_organ                ? 
_entity_src_gen.pdbx_gene_src_organelle            ? 
_entity_src_gen.pdbx_gene_src_cell                 ? 
_entity_src_gen.pdbx_gene_src_cellular_location    ? 
_entity_src_gen.host_org_common_name               ? 
_entity_src_gen.pdbx_host_org_scientific_name      ? 
_entity_src_gen.pdbx_host_org_ncbi_taxonomy_id     ? 
_entity_src_gen.host_org_genus                     ? 
_entity_src_gen.pdbx_host_org_gene                 ? 
_entity_src_gen.pdbx_host_org_organ                ? 
_entity_src_gen.host_org_species                   ? 
_entity_src_gen.pdbx_host_org_tissue               ? 
_entity_src_gen.pdbx_host_org_tissue_fraction      ? 
_entity_src_gen.pdbx_host_org_strain               ? 
_entity_src_gen.pdbx_host_org_variant              ? 
_entity_src_gen.pdbx_host_org_cell_line            ? 
_entity_src_gen.pdbx_host_org_atcc                 ? 
_entity_src_gen.pdbx_host_org_culture_collection   ? 
_entity_src_gen.pdbx_host_org_cell                 ? 
_entity_src_gen.pdbx_host_org_organelle            ? 
_entity_src_gen.pdbx_host_org_cellular_location    ? 
_entity_src_gen.pdbx_host_org_vector_type          ? 
_entity_src_gen.pdbx_host_org_vector               ? 
_entity_src_gen.host_org_details                   ? 
_entity_src_gen.expression_system_id               ? 
_entity_src_gen.plasmid_name                       ? 
_entity_src_gen.plasmid_details                    ? 
_entity_src_gen.pdbx_description                   ? 
# 
_struct_ref.id                         1 
_struct_ref.db_name                    UNP 
_struct_ref.db_code                    HST1_ECOLI 
_struct_ref.entity_id                  1 
_struct_ref.pdbx_db_accession          P01559 
_struct_ref.pdbx_align_begin           1 
_struct_ref.pdbx_seq_one_letter_code   MKKLMLAIFISVLSFPSFSQSTESLDSSKEKITLETKKCDVVKNNSEKKSENMNNTFYCCELCCNPACAGCY 
_struct_ref.pdbx_db_isoform            ? 
# 
_struct_ref_seq.align_id                      1 
_struct_ref_seq.ref_id                        1 
_struct_ref_seq.pdbx_PDB_id_code              1ETL 
_struct_ref_seq.pdbx_strand_id                A 
_struct_ref_seq.seq_align_beg                 2 
_struct_ref_seq.pdbx_seq_align_beg_ins_code   ? 
_struct_ref_seq.seq_align_end                 13 
_struct_ref_seq.pdbx_seq_align_end_ins_code   ? 
_struct_ref_seq.pdbx_db_accession             P01559 
_struct_ref_seq.db_align_beg                  60 
_struct_ref_seq.pdbx_db_align_beg_ins_code    ? 
_struct_ref_seq.db_align_end                  71 
_struct_ref_seq.pdbx_db_align_end_ins_code    ? 
_struct_ref_seq.pdbx_auth_seq_align_beg       6 
_struct_ref_seq.pdbx_auth_seq_align_end       17 
# 
_struct_ref_seq_dif.align_id                     1 
_struct_ref_seq_dif.pdbx_pdb_id_code             1ETL 
_struct_ref_seq_dif.mon_id                       GLY 
_struct_ref_seq_dif.pdbx_pdb_strand_id           A 
_struct_ref_seq_dif.seq_num                      9 
_struct_ref_seq_dif.pdbx_pdb_ins_code            ? 
_struct_ref_seq_dif.pdbx_seq_db_name             UNP 
_struct_ref_seq_dif.pdbx_seq_db_accession_code   P01559 
_struct_ref_seq_dif.db_mon_id                    ALA 
_struct_ref_seq_dif.pdbx_seq_db_seq_num          67 
_struct_ref_seq_dif.details                      'engineered mutation' 
_struct_ref_seq_dif.pdbx_auth_seq_num            13 
_struct_ref_seq_dif.pdbx_ordinal                 1 
# 
loop_
_chem_comp.id 
_chem_comp.type 
_chem_comp.mon_nstd_flag 
_chem_comp.name 
_chem_comp.pdbx_synonyms 
_chem_comp.formula 
_chem_comp.formula_weight 
ALA 'L-peptide linking' y ALANINE                       ? 'C3 H7 N O2'   89.093  
ASN 'L-peptide linking' y ASPARAGINE                    ? 'C4 H8 N2 O3'  132.118 
CYS 'L-peptide linking' y CYSTEINE                      ? 'C3 H7 N O2 S' 121.158 
GLU 'L-peptide linking' y 'GLUTAMIC ACID'               ? 'C5 H9 N O4'   147.129 
GLY 'peptide linking'   y GLYCINE                       ? 'C2 H5 N O2'   75.067  
HOH non-polymer         . WATER                         ? 'H2 O'         18.015  
LEU 'L-peptide linking' y LEUCINE                       ? 'C6 H13 N O2'  131.173 
MPR non-polymer         . '2-MERCAPTO-PROPION ALDEHYDE' ? 'C3 H6 O S'    90.144  
PRO 'L-peptide linking' y PROLINE                       ? 'C5 H9 N O2'   115.130 
# 
_exptl.entry_id          1ETL 
_exptl.method            'X-RAY DIFFRACTION' 
_exptl.crystals_number   ? 
# 
_exptl_crystal.id                    1 
_exptl_crystal.density_meas          ? 
_exptl_crystal.density_Matthews      1.50 
_exptl_crystal.density_percent_sol   17.80 
_exptl_crystal.description           ? 
# 
_diffrn.id                     1 
_diffrn.ambient_temp           ? 
_diffrn.ambient_temp_details   ? 
_diffrn.crystal_id             1 
# 
_diffrn_radiation.diffrn_id                        1 
_diffrn_radiation.wavelength_id                    1 
_diffrn_radiation.pdbx_monochromatic_or_laue_m_l   ? 
_diffrn_radiation.monochromator                    ? 
_diffrn_radiation.pdbx_diffrn_protocol             ? 
_diffrn_radiation.pdbx_scattering_type             x-ray 
# 
_diffrn_radiation_wavelength.id           1 
_diffrn_radiation_wavelength.wavelength   . 
_diffrn_radiation_wavelength.wt           1.0 
# 
_refine.entry_id                                 1ETL 
_refine.ls_number_reflns_obs                     5492 
_refine.ls_number_reflns_all                     ? 
_refine.pdbx_ls_sigma_I                          ? 
_refine.pdbx_ls_sigma_F                          3.0 
_refine.pdbx_data_cutoff_high_absF               ? 
_refine.pdbx_data_cutoff_low_absF                ? 
_refine.pdbx_data_cutoff_high_rms_absF           ? 
_refine.ls_d_res_low                             10.6 
_refine.ls_d_res_high                            0.89 
_refine.ls_percent_reflns_obs                    99.4 
_refine.ls_R_factor_obs                          ? 
_refine.ls_R_factor_all                          ? 
_refine.ls_R_factor_R_work                       0.073 
_refine.ls_R_factor_R_free                       ? 
_refine.ls_R_factor_R_free_error                 ? 
_refine.ls_R_factor_R_free_error_details         ? 
_refine.ls_percent_reflns_R_free                 ? 
_refine.ls_number_reflns_R_free                  ? 
_refine.ls_number_parameters                     ? 
_refine.ls_number_restraints                     ? 
_refine.occupancy_min                            ? 
_refine.occupancy_max                            ? 
_refine.B_iso_mean                               ? 
_refine.aniso_B[1][1]                            ? 
_refine.aniso_B[2][2]                            ? 
_refine.aniso_B[3][3]                            ? 
_refine.aniso_B[1][2]                            ? 
_refine.aniso_B[1][3]                            ? 
_refine.aniso_B[2][3]                            ? 
_refine.solvent_model_details                    ? 
_refine.solvent_model_param_ksol                 ? 
_refine.solvent_model_param_bsol                 ? 
_refine.pdbx_ls_cross_valid_method               ? 
_refine.details                                  ? 
_refine.pdbx_starting_model                      ? 
_refine.pdbx_method_to_determine_struct          ? 
_refine.pdbx_isotropic_thermal_model             ? 
_refine.pdbx_stereochemistry_target_values       ? 
_refine.pdbx_stereochem_target_val_spec_case     ? 
_refine.pdbx_R_Free_selection_details            ? 
_refine.pdbx_overall_ESU_R                       ? 
_refine.pdbx_overall_ESU_R_Free                  ? 
_refine.overall_SU_ML                            ? 
_refine.overall_SU_B                             ? 
_refine.pdbx_refine_id                           'X-RAY DIFFRACTION' 
_refine.pdbx_diffrn_id                           1 
_refine.pdbx_TLS_residual_ADP_flag               ? 
_refine.correlation_coeff_Fo_to_Fc               ? 
_refine.correlation_coeff_Fo_to_Fc_free          ? 
_refine.pdbx_solvent_vdw_probe_radii             ? 
_refine.pdbx_solvent_ion_probe_radii             ? 
_refine.pdbx_solvent_shrinkage_radii             ? 
_refine.pdbx_overall_phase_error                 ? 
_refine.overall_SU_R_Cruickshank_DPI             ? 
_refine.pdbx_overall_SU_R_free_Cruickshank_DPI   ? 
_refine.pdbx_overall_SU_R_Blow_DPI               ? 
_refine.pdbx_overall_SU_R_free_Blow_DPI          ? 
# 
_refine_hist.pdbx_refine_id                   'X-RAY DIFFRACTION' 
_refine_hist.cycle_id                         LAST 
_refine_hist.pdbx_number_atoms_protein        81 
_refine_hist.pdbx_number_atoms_nucleic_acid   0 
_refine_hist.pdbx_number_atoms_ligand         0 
_refine_hist.number_atoms_solvent             13 
_refine_hist.number_atoms_total               94 
_refine_hist.d_res_high                       0.89 
_refine_hist.d_res_low                        10.6 
# 
_struct.entry_id                  1ETL 
_struct.title                     
;STRUCTURAL CHARACTERISTICS FOR BIOLOGICAL ACTIVITY OF HEAT-STABLE ENTEROTOXIN PRODUCED BY ENTEROTOXIGENIC ESCHERICHIA COLI: X-RAY CRYSTALLOGRAPHY OF WEAKLY TOXIC AND NONTOXIC ANALOGS
;
_struct.pdbx_model_details        ? 
_struct.pdbx_CASP_flag            ? 
_struct.pdbx_model_type_details   ? 
# 
_struct_keywords.entry_id        1ETL 
_struct_keywords.pdbx_keywords   ENTEROTOXIN 
_struct_keywords.text            ENTEROTOXIN 
# 
loop_
_struct_asym.id 
_struct_asym.pdbx_blank_PDB_chainid_flag 
_struct_asym.pdbx_modified 
_struct_asym.entity_id 
_struct_asym.details 
A N N 1 ? 
B N N 2 ? 
# 
_struct_biol.id   1 
# 
_struct_conf.conf_type_id            HELX_P 
_struct_conf.id                      HELX_P1 
_struct_conf.pdbx_PDB_helix_id       H1 
_struct_conf.beg_label_comp_id       MPR 
_struct_conf.beg_label_asym_id       A 
_struct_conf.beg_label_seq_id        1 
_struct_conf.pdbx_beg_PDB_ins_code   ? 
_struct_conf.end_label_comp_id       CYS 
_struct_conf.end_label_asym_id       A 
_struct_conf.end_label_seq_id        5 
_struct_conf.pdbx_end_PDB_ins_code   ? 
_struct_conf.beg_auth_comp_id        MPR 
_struct_conf.beg_auth_asym_id        A 
_struct_conf.beg_auth_seq_id         5 
_struct_conf.end_auth_comp_id        CYS 
_struct_conf.end_auth_asym_id        A 
_struct_conf.end_auth_seq_id         9 
_struct_conf.pdbx_PDB_helix_class    5 
_struct_conf.details                 'N-TERMINAL SEGMENT' 
_struct_conf.pdbx_PDB_helix_length   5 
# 
_struct_conf_type.id          HELX_P 
_struct_conf_type.criteria    ? 
_struct_conf_type.reference   ? 
# 
loop_
_struct_conn.id 
_struct_conn.conn_type_id 
_struct_conn.pdbx_leaving_atom_flag 
_struct_conn.pdbx_PDB_id 
_struct_conn.ptnr1_label_asym_id 
_struct_conn.ptnr1_label_comp_id 
_struct_conn.ptnr1_label_seq_id 
_struct_conn.ptnr1_label_atom_id 
_struct_conn.pdbx_ptnr1_label_alt_id 
_struct_conn.pdbx_ptnr1_PDB_ins_code 
_struct_conn.pdbx_ptnr1_standard_comp_id 
_struct_conn.ptnr1_symmetry 
_struct_conn.ptnr2_label_asym_id 
_struct_conn.ptnr2_label_comp_id 
_struct_conn.ptnr2_label_seq_id 
_struct_conn.ptnr2_label_atom_id 
_struct_conn.pdbx_ptnr2_label_alt_id 
_struct_conn.pdbx_ptnr2_PDB_ins_code 
_struct_conn.ptnr1_auth_asym_id 
_struct_conn.ptnr1_auth_comp_id 
_struct_conn.ptnr1_auth_seq_id 
_struct_conn.ptnr2_auth_asym_id 
_struct_conn.ptnr2_auth_comp_id 
_struct_conn.ptnr2_auth_seq_id 
_struct_conn.ptnr2_symmetry 
_struct_conn.pdbx_ptnr3_label_atom_id 
_struct_conn.pdbx_ptnr3_label_seq_id 
_struct_conn.pdbx_ptnr3_label_comp_id 
_struct_conn.pdbx_ptnr3_label_asym_id 
_struct_conn.pdbx_ptnr3_label_alt_id 
_struct_conn.pdbx_ptnr3_PDB_ins_code 
_struct_conn.details 
_struct_conn.pdbx_dist_value 
_struct_conn.pdbx_value_order 
_struct_conn.pdbx_role 
disulf1 disulf ?    ? A CYS 2 SG ? ? ? 1_555 A CYS 10 SG ? ? A CYS 6 A CYS 14 1_555 ? ? ? ? ? ? ? 2.030 ? ? 
disulf2 disulf ?    ? A CYS 5 SG ? ? ? 1_555 A CYS 13 SG ? ? A CYS 9 A CYS 17 1_555 ? ? ? ? ? ? ? 2.035 ? ? 
covale1 covale one  ? A MPR 1 C1 ? ? ? 1_555 A CYS 2  N  ? ? A MPR 5 A CYS 6  1_555 ? ? ? ? ? ? ? 1.338 ? ? 
covale2 covale none ? A MPR 1 S3 ? ? ? 1_555 A CYS 6  SG ? ? A MPR 5 A CYS 10 1_555 ? ? ? ? ? ? ? 2.030 ? ? 
# 
loop_
_struct_conn_type.id 
_struct_conn_type.criteria 
_struct_conn_type.reference 
disulf ? ? 
covale ? ? 
# 
loop_
_struct_site.id 
_struct_site.pdbx_evidence_code 
_struct_site.pdbx_auth_asym_id 
_struct_site.pdbx_auth_comp_id 
_struct_site.pdbx_auth_seq_id 
_struct_site.pdbx_auth_ins_code 
_struct_site.pdbx_num_residues 
_struct_site.details 
S1 Author ? ? ? ? 3 'THE RECEPTOR BINDING SITE DEDUCED FROM CHEMICAL MUTATION STUDY'                                 
S2 Author ? ? ? ? 6 'PUTATIVE CATION BINDING SITE SUGGESTED FROM CONFORMATIONAL SIMILARITIES TO IONOPHORE PEPTIDES.' 
# 
loop_
_struct_site_gen.id 
_struct_site_gen.site_id 
_struct_site_gen.pdbx_num_res 
_struct_site_gen.label_comp_id 
_struct_site_gen.label_asym_id 
_struct_site_gen.label_seq_id 
_struct_site_gen.pdbx_auth_ins_code 
_struct_site_gen.auth_comp_id 
_struct_site_gen.auth_asym_id 
_struct_site_gen.auth_seq_id 
_struct_site_gen.label_atom_id 
_struct_site_gen.label_alt_id 
_struct_site_gen.symmetry 
_struct_site_gen.details 
1 S1 3 ASN A 7  ? ASN A 11 . ? 1_555 ? 
2 S1 3 PRO A 8  ? PRO A 12 . ? 1_555 ? 
3 S1 3 GLY A 9  ? GLY A 13 . ? 1_555 ? 
4 S2 6 PRO A 8  ? PRO A 12 . ? 1_555 ? 
5 S2 6 GLY A 9  ? GLY A 13 . ? 1_555 ? 
6 S2 6 CYS A 10 ? CYS A 14 . ? 1_555 ? 
7 S2 6 ALA A 11 ? ALA A 15 . ? 1_555 ? 
8 S2 6 GLY A 12 ? GLY A 16 . ? 1_555 ? 
9 S2 6 CYS A 13 ? CYS A 17 . ? 1_555 ? 
# 
_atom_sites.entry_id                    1ETL 
_atom_sites.fract_transf_matrix[1][1]   -0.01018548 
_atom_sites.fract_transf_matrix[1][2]   0.02541211 
_atom_sites.fract_transf_matrix[1][3]   0.04074165 
_atom_sites.fract_transf_matrix[2][1]   0.01517555 
_atom_sites.fract_transf_matrix[2][2]   0.08368328 
_atom_sites.fract_transf_matrix[2][3]   -0.04840251 
_atom_sites.fract_transf_matrix[3][1]   -0.05860352 
_atom_sites.fract_transf_matrix[3][2]   0.01297874 
_atom_sites.fract_transf_matrix[3][3]   0.00406515 
_atom_sites.fract_transf_vector[1]      0.725692 
_atom_sites.fract_transf_vector[2]      0.517827 
_atom_sites.fract_transf_vector[3]      -0.036583 
# 
loop_
_atom_type.symbol 
C 
H 
N 
O 
S 
# 
loop_
_atom_site.group_PDB 
_atom_site.id 
_atom_site.type_symbol 
_atom_site.label_atom_id 
_atom_site.label_alt_id 
_atom_site.label_comp_id 
_atom_site.label_asym_id 
_atom_site.label_entity_id 
_atom_site.label_seq_id 
_atom_site.pdbx_PDB_ins_code 
_atom_site.Cartn_x 
_atom_site.Cartn_y 
_atom_site.Cartn_z 
_atom_site.occupancy 
_atom_site.B_iso_or_equiv 
_atom_site.Cartn_x_esd 
_atom_site.Cartn_y_esd 
_atom_site.Cartn_z_esd 
_atom_site.occupancy_esd 
_atom_site.B_iso_or_equiv_esd 
_atom_site.pdbx_formal_charge 
_atom_site.auth_seq_id 
_atom_site.auth_comp_id 
_atom_site.auth_asym_id 
_atom_site.auth_atom_id 
_atom_site.pdbx_PDB_model_num 
HETATM 1   C C1   . MPR A 1 1  ? -5.418  -1.809 0.893  1.00 0.07 0.013 0.014 0.013 0.00 0.00 ? 5  MPR A C1   1 
HETATM 2   O O    . MPR A 1 1  ? -5.358  -0.578 1.040  1.00 0.06 0.008 0.009 0.008 0.00 0.00 ? 5  MPR A O    1 
HETATM 3   C C2   . MPR A 1 1  ? -6.450  -2.677 1.558  1.00 0.08 0.016 0.016 0.017 0.00 0.00 ? 5  MPR A C2   1 
HETATM 4   C C3   . MPR A 1 1  ? -6.819  -2.197 2.922  1.00 0.09 0.019 0.016 0.017 0.00 0.00 ? 5  MPR A C3   1 
HETATM 5   S S3   . MPR A 1 1  ? -5.692  -2.617 4.276  1.00 0.09 0.004 0.000 0.004 0.00 0.00 ? 5  MPR A S3   1 
HETATM 6   H H21  . MPR A 1 1  ? -6.018  -3.673 1.658  1.00 0.08 0.151 0.170 0.155 0.00 0.05 ? 5  MPR A H21  1 
HETATM 7   H H22  . MPR A 1 1  ? -7.323  -2.728 0.940  1.00 0.08 0.149 0.164 0.155 0.00 0.05 ? 5  MPR A H22  1 
HETATM 8   H H31  . MPR A 1 1  ? -6.893  -1.146 2.880  1.00 0.08 0.165 0.180 0.165 0.00 0.05 ? 5  MPR A H31  1 
HETATM 9   H H32  . MPR A 1 1  ? -7.772  -2.610 3.164  1.00 0.08 0.155 0.175 0.155 0.00 0.05 ? 5  MPR A H32  1 
ATOM   10  N N    . CYS A 1 2  ? -4.618  -2.450 0.034  1.00 0.07 0.012 0.012 0.011 0.00 0.00 ? 6  CYS A N    1 
ATOM   11  C CA   . CYS A 1 2  ? -3.575  -1.751 -0.667 1.00 0.06 0.012 0.014 0.012 0.00 0.00 ? 6  CYS A CA   1 
ATOM   12  C C    . CYS A 1 2  ? -4.018  -0.660 -1.635 1.00 0.06 0.012 0.014 0.013 0.00 0.00 ? 6  CYS A C    1 
ATOM   13  O O    . CYS A 1 2  ? -3.280  0.229  -1.998 1.00 0.07 0.009 0.010 0.009 0.00 0.00 ? 6  CYS A O    1 
ATOM   14  C CB   . CYS A 1 2  ? -2.574  -2.681 -1.370 1.00 0.08 0.012 0.019 0.014 0.00 0.00 ? 6  CYS A CB   1 
ATOM   15  S SG   . CYS A 1 2  ? -1.520  -3.595 -0.221 1.00 0.08 0.004 0.005 0.003 0.00 0.00 ? 6  CYS A SG   1 
ATOM   16  H H    . CYS A 1 2  ? -4.730  -3.425 -0.111 1.00 0.07 0.155 0.162 0.150 0.00 0.05 ? 6  CYS A H    1 
ATOM   17  H HA   . CYS A 1 2  ? -3.091  -1.238 0.144  1.00 0.06 0.129 0.141 0.125 0.00 0.04 ? 6  CYS A HA   1 
ATOM   18  H HB2  . CYS A 1 2  ? -3.120  -3.399 -1.951 1.00 0.08 0.152 0.159 0.148 0.00 0.05 ? 6  CYS A HB2  1 
ATOM   19  H HB3  . CYS A 1 2  ? -1.938  -2.074 -2.004 1.00 0.08 0.154 0.168 0.155 0.00 0.05 ? 6  CYS A HB3  1 
ATOM   20  N N    . GLU A 1 3  ? -5.342  -0.743 -2.090 1.00 0.06 0.009 0.012 0.010 0.00 0.00 ? 7  GLU A N    1 
ATOM   21  C CA   . GLU A 1 3  ? -5.872  0.340  -2.867 1.00 0.07 0.012 0.014 0.013 0.00 0.00 ? 7  GLU A CA   1 
ATOM   22  C C    . GLU A 1 3  ? -5.917  1.678  -2.121 1.00 0.06 0.012 0.013 0.013 0.00 0.00 ? 7  GLU A C    1 
ATOM   23  O O    . GLU A 1 3  ? -6.056  2.737  -2.741 1.00 0.09 0.009 0.010 0.011 0.00 0.00 ? 7  GLU A O    1 
ATOM   24  C CB   . GLU A 1 3  ? -7.262  -0.024 -3.444 1.00 0.08 0.015 0.018 0.015 0.00 0.00 ? 7  GLU A CB   1 
ATOM   25  C CG   . GLU A 1 3  ? -8.448  0.128  -2.506 1.00 0.08 0.016 0.016 0.014 0.00 0.00 ? 7  GLU A CG   1 
ATOM   26  C CD   . GLU A 1 3  ? -8.576  -0.913 -1.444 1.00 0.08 0.015 0.016 0.014 0.00 0.00 ? 7  GLU A CD   1 
ATOM   27  O OE1  . GLU A 1 3  ? -7.782  -1.825 -1.235 1.00 0.09 0.010 0.011 0.010 0.00 0.00 ? 7  GLU A OE1  1 
ATOM   28  O OE2  . GLU A 1 3  ? -9.645  -0.729 -0.635 1.00 0.10 0.013 0.014 0.011 0.00 0.00 ? 7  GLU A OE2  1 
ATOM   29  H H    . GLU A 1 3  ? -5.908  -1.525 -1.860 1.00 0.06 0.141 0.154 0.141 0.00 0.04 ? 7  GLU A H    1 
ATOM   30  H HA   . GLU A 1 3  ? -5.191  0.476  -3.681 1.00 0.07 0.137 0.150 0.139 0.00 0.04 ? 7  GLU A HA   1 
ATOM   31  H HB2  . GLU A 1 3  ? -7.417  0.611  -4.290 1.00 0.08 0.153 0.168 0.149 0.00 0.05 ? 7  GLU A HB2  1 
ATOM   32  H HB3  . GLU A 1 3  ? -7.209  -1.061 -3.795 1.00 0.08 0.162 0.166 0.151 0.00 0.05 ? 7  GLU A HB3  1 
ATOM   33  H HG2  . GLU A 1 3  ? -8.388  1.097  -2.037 1.00 0.08 0.156 0.159 0.146 0.00 0.05 ? 7  GLU A HG2  1 
ATOM   34  H HG3  . GLU A 1 3  ? -9.334  0.087  -3.113 1.00 0.08 0.136 0.158 0.142 0.00 0.04 ? 7  GLU A HG3  1 
ATOM   35  H HE2  . GLU A 1 3  ? -9.495  -1.224 0.285  1.00 0.11 0.193 0.222 0.196 0.00 0.07 ? 7  GLU A HE2  1 
ATOM   36  N N    . LEU A 1 4  ? -5.833  1.606  -0.791 1.00 0.05 0.009 0.010 0.010 0.00 0.00 ? 8  LEU A N    1 
ATOM   37  C CA   . LEU A 1 4  ? -5.783  2.770  0.077  1.00 0.06 0.011 0.013 0.012 0.00 0.00 ? 8  LEU A CA   1 
ATOM   38  C C    . LEU A 1 4  ? -4.397  2.955  0.673  1.00 0.05 0.011 0.011 0.011 0.00 0.00 ? 8  LEU A C    1 
ATOM   39  O O    . LEU A 1 4  ? -4.209  3.659  1.670  1.00 0.06 0.008 0.009 0.008 0.00 0.00 ? 8  LEU A O    1 
ATOM   40  C CB   . LEU A 1 4  ? -6.801  2.620  1.210  1.00 0.07 0.013 0.019 0.013 0.00 0.00 ? 8  LEU A CB   1 
ATOM   41  C CG   . LEU A 1 4  ? -8.269  2.576  0.767  1.00 0.10 0.016 0.024 0.016 0.00 0.00 ? 8  LEU A CG   1 
ATOM   42  C CD1  . LEU A 1 4  ? -9.058  2.048  2.059  1.00 0.18 0.030 0.051 0.030 0.00 0.00 ? 8  LEU A CD1  1 
ATOM   43  C CD2  . LEU A 1 4  ? -8.669  3.871  0.095  1.00 0.21 0.044 0.053 0.027 0.00 0.00 ? 8  LEU A CD2  1 
ATOM   44  H H    . LEU A 1 4  ? -5.778  0.712  -0.355 1.00 0.05 0.132 0.147 0.130 0.00 0.04 ? 8  LEU A H    1 
ATOM   45  H HA   . LEU A 1 4  ? -6.009  3.623  -0.519 1.00 0.06 0.135 0.155 0.142 0.00 0.04 ? 8  LEU A HA   1 
ATOM   46  H HB2  . LEU A 1 4  ? -6.575  1.707  1.743  1.00 0.08 0.155 0.171 0.157 0.00 0.05 ? 8  LEU A HB2  1 
ATOM   47  H HB3  . LEU A 1 4  ? -6.681  3.442  1.874  1.00 0.08 0.153 0.159 0.140 0.00 0.05 ? 8  LEU A HB3  1 
ATOM   48  H HG   . LEU A 1 4  ? -8.440  1.885  -0.045 1.00 0.10 0.189 0.188 0.171 0.00 0.06 ? 8  LEU A HG   1 
ATOM   49  H HD11 . LEU A 1 4  ? -8.929  2.737  2.907  1.00 0.19 0.291 0.297 0.228 0.00 0.12 ? 8  LEU A HD11 1 
ATOM   50  H HD12 . LEU A 1 4  ? -10.095 1.992  1.812  1.00 0.19 0.253 0.278 0.282 0.00 0.11 ? 8  LEU A HD12 1 
ATOM   51  H HD13 . LEU A 1 4  ? -8.714  1.023  2.336  1.00 0.19 0.319 0.315 0.297 0.00 0.18 ? 8  LEU A HD13 1 
ATOM   52  H HD21 . LEU A 1 4  ? -8.030  4.053  -0.769 1.00 0.20 0.301 0.353 0.331 0.00 0.17 ? 8  LEU A HD21 1 
ATOM   53  H HD22 . LEU A 1 4  ? -9.735  3.739  -0.172 1.00 0.20 0.251 0.295 0.293 0.00 0.11 ? 8  LEU A HD22 1 
ATOM   54  H HD23 . LEU A 1 4  ? -8.669  4.664  0.852  1.00 0.20 0.293 0.323 0.279 0.00 0.14 ? 8  LEU A HD23 1 
ATOM   55  N N    . CYS A 1 5  ? -3.364  2.274  0.093  1.00 0.05 0.009 0.010 0.009 0.00 0.00 ? 9  CYS A N    1 
ATOM   56  C CA   . CYS A 1 5  ? -2.036  2.295  0.673  1.00 0.05 0.011 0.011 0.011 0.00 0.00 ? 9  CYS A CA   1 
ATOM   57  C C    . CYS A 1 5  ? -2.076  2.072  2.148  1.00 0.05 0.011 0.011 0.011 0.00 0.00 ? 9  CYS A C    1 
ATOM   58  O O    . CYS A 1 5  ? -1.366  2.730  2.943  1.00 0.07 0.008 0.009 0.008 0.00 0.00 ? 9  CYS A O    1 
ATOM   59  C CB   . CYS A 1 5  ? -1.260  3.550  0.303  1.00 0.06 0.013 0.012 0.013 0.00 0.00 ? 9  CYS A CB   1 
ATOM   60  S SG   . CYS A 1 5  ? -0.733  3.676  -1.435 1.00 0.07 0.003 0.005 0.004 0.00 0.00 ? 9  CYS A SG   1 
ATOM   61  H H    . CYS A 1 5  ? -3.540  1.755  -0.748 1.00 0.05 0.130 0.140 0.124 0.00 0.04 ? 9  CYS A H    1 
ATOM   62  H HA   . CYS A 1 5  ? -1.495  1.465  0.246  1.00 0.05 0.125 0.135 0.124 0.00 0.04 ? 9  CYS A HA   1 
ATOM   63  H HB2  . CYS A 1 5  ? -1.878  4.386  0.520  1.00 0.06 0.136 0.144 0.139 0.00 0.04 ? 9  CYS A HB2  1 
ATOM   64  H HB3  . CYS A 1 5  ? -0.379  3.589  0.907  1.00 0.06 0.133 0.145 0.143 0.00 0.04 ? 9  CYS A HB3  1 
ATOM   65  N N    . CYS A 1 6  ? -2.816  1.038  2.593  1.00 0.05 0.010 0.010 0.010 0.00 0.00 ? 10 CYS A N    1 
ATOM   66  C CA   . CYS A 1 6  ? -3.072  0.851  4.007  1.00 0.05 0.011 0.011 0.010 0.00 0.00 ? 10 CYS A CA   1 
ATOM   67  C C    . CYS A 1 6  ? -1.876  0.321  4.784  1.00 0.06 0.011 0.012 0.011 0.00 0.00 ? 10 CYS A C    1 
ATOM   68  O O    . CYS A 1 6  ? -1.910  0.326  6.028  1.00 0.07 0.008 0.009 0.008 0.00 0.00 ? 10 CYS A O    1 
ATOM   69  C CB   . CYS A 1 6  ? -4.261  -0.028 4.249  1.00 0.06 0.013 0.012 0.012 0.00 0.00 ? 10 CYS A CB   1 
ATOM   70  S SG   . CYS A 1 6  ? -3.931  -1.737 3.777  1.00 0.07 0.004 0.005 0.003 0.00 0.00 ? 10 CYS A SG   1 
ATOM   71  H H    . CYS A 1 6  ? -3.192  0.405  1.943  1.00 0.05 0.133 0.140 0.127 0.00 0.04 ? 10 CYS A H    1 
ATOM   72  H HA   . CYS A 1 6  ? -3.287  1.824  4.375  1.00 0.05 0.129 0.135 0.126 0.00 0.04 ? 10 CYS A HA   1 
ATOM   73  H HB2  . CYS A 1 6  ? -4.519  0.005  5.289  1.00 0.06 0.137 0.142 0.130 0.00 0.04 ? 10 CYS A HB2  1 
ATOM   74  H HB3  . CYS A 1 6  ? -5.090  0.347  3.675  1.00 0.06 0.125 0.145 0.133 0.00 0.04 ? 10 CYS A HB3  1 
ATOM   75  N N    . ASN A 1 7  ? -0.856  -0.165 4.063  1.00 0.05 0.009 0.010 0.008 0.00 0.00 ? 11 ASN A N    1 
ATOM   76  C CA   . ASN A 1 7  ? 0.330   -0.727 4.681  1.00 0.05 0.011 0.011 0.010 0.00 0.00 ? 11 ASN A CA   1 
ATOM   77  C C    . ASN A 1 7  ? 1.529   -0.259 3.832  1.00 0.05 0.011 0.012 0.011 0.00 0.00 ? 11 ASN A C    1 
ATOM   78  O O    . ASN A 1 7  ? 1.431   -0.254 2.602  1.00 0.06 0.007 0.009 0.008 0.00 0.00 ? 11 ASN A O    1 
ATOM   79  C CB   . ASN A 1 7  ? 0.209   -2.261 4.670  1.00 0.07 0.014 0.013 0.014 0.00 0.00 ? 11 ASN A CB   1 
ATOM   80  C CG   . ASN A 1 7  ? 1.363   -2.936 5.410  1.00 0.08 0.014 0.014 0.016 0.00 0.00 ? 11 ASN A CG   1 
ATOM   81  O OD1  . ASN A 1 7  ? 2.481   -3.038 4.943  1.00 0.09 0.012 0.010 0.011 0.00 0.00 ? 11 ASN A OD1  1 
ATOM   82  N ND2  . ASN A 1 7  ? 1.030   -3.431 6.636  1.00 0.09 0.014 0.013 0.017 0.00 0.00 ? 11 ASN A ND2  1 
ATOM   83  H H    . ASN A 1 7  ? -0.923  -0.130 3.066  1.00 0.05 0.132 0.133 0.127 0.00 0.04 ? 11 ASN A H    1 
ATOM   84  H HA   . ASN A 1 7  ? 0.434   -0.401 5.710  1.00 0.05 0.128 0.130 0.120 0.00 0.04 ? 11 ASN A HA   1 
ATOM   85  H HB2  . ASN A 1 7  ? -0.726  -2.542 5.141  1.00 0.07 0.138 0.148 0.139 0.00 0.04 ? 11 ASN A HB2  1 
ATOM   86  H HB3  . ASN A 1 7  ? 0.209   -2.596 3.641  1.00 0.07 0.142 0.149 0.131 0.00 0.04 ? 11 ASN A HB3  1 
ATOM   87  H HD21 . ASN A 1 7  ? 1.911   -3.539 7.223  1.00 0.10 0.172 0.193 0.182 0.00 0.06 ? 11 ASN A HD21 1 
ATOM   88  H HD22 . ASN A 1 7  ? 0.347   -2.780 7.098  1.00 0.10 0.188 0.188 0.184 0.00 0.06 ? 11 ASN A HD22 1 
ATOM   89  N N    . PRO A 1 8  ? 2.649   0.094  4.466  1.00 0.06 0.009 0.010 0.009 0.00 0.00 ? 12 PRO A N    1 
ATOM   90  C CA   . PRO A 1 8  ? 3.790   0.616  3.682  1.00 0.07 0.012 0.014 0.014 0.00 0.00 ? 12 PRO A CA   1 
ATOM   91  C C    . PRO A 1 8  ? 4.459   -0.407 2.805  1.00 0.06 0.012 0.014 0.011 0.00 0.00 ? 12 PRO A C    1 
ATOM   92  O O    . PRO A 1 8  ? 5.224   -0.014 1.952  1.00 0.08 0.009 0.011 0.009 0.00 0.00 ? 12 PRO A O    1 
ATOM   93  C CB   . PRO A 1 8  ? 4.733   1.143  4.777  1.00 0.10 0.018 0.022 0.020 0.00 0.00 ? 12 PRO A CB   1 
ATOM   94  C CG   . PRO A 1 8  ? 3.999   1.168  5.999  1.00 0.27 0.043 0.043 0.043 0.00 0.00 ? 12 PRO A CG   1 
ATOM   95  C CD   . PRO A 1 8  ? 2.831   0.257  5.952  1.00 0.07 0.013 0.015 0.016 0.00 0.00 ? 12 PRO A CD   1 
ATOM   96  H HA   . PRO A 1 8  ? 3.484   1.370  2.958  1.00 0.07 0.142 0.155 0.142 0.00 0.05 ? 12 PRO A HA   1 
ATOM   97  H HB2  . PRO A 1 8  ? 5.581   0.501  4.859  1.00 0.10 0.166 0.189 0.171 0.00 0.06 ? 12 PRO A HB2  1 
ATOM   98  H HB3  . PRO A 1 8  ? 5.089   2.132  4.539  1.00 0.10 0.175 0.190 0.182 0.00 0.06 ? 12 PRO A HB3  1 
ATOM   99  H HG2  . PRO A 1 8  ? 4.646   0.841  6.784  1.00 0.19 0.265 0.276 0.253 0.00 0.10 ? 12 PRO A HG2  1 
ATOM   100 H HG3  . PRO A 1 8  ? 3.696   2.157  6.169  1.00 0.20 0.298 0.327 0.326 0.00 0.17 ? 12 PRO A HG3  1 
ATOM   101 H HD2  . PRO A 1 8  ? 3.030   -0.699 6.431  1.00 0.07 0.147 0.165 0.146 0.00 0.05 ? 12 PRO A HD2  1 
ATOM   102 H HD3  . PRO A 1 8  ? 1.966   0.711  6.410  1.00 0.07 0.147 0.156 0.155 0.00 0.05 ? 12 PRO A HD3  1 
ATOM   103 N N    . GLY A 1 9  ? 4.171   -1.689 3.024  1.00 0.06 0.010 0.011 0.010 0.00 0.00 ? 13 GLY A N    1 
ATOM   104 C CA   . GLY A 1 9  ? 4.674   -2.734 2.184  1.00 0.07 0.013 0.016 0.015 0.00 0.00 ? 13 GLY A CA   1 
ATOM   105 C C    . GLY A 1 9  ? 3.845   -2.970 0.920  1.00 0.06 0.012 0.014 0.014 0.00 0.00 ? 13 GLY A C    1 
ATOM   106 O O    . GLY A 1 9  ? 4.305   -3.813 0.112  1.00 0.10 0.009 0.014 0.011 0.00 0.00 ? 13 GLY A O    1 
ATOM   107 H H    . GLY A 1 9  ? 3.596   -1.929 3.792  1.00 0.06 0.135 0.146 0.134 0.00 0.04 ? 13 GLY A H    1 
ATOM   108 H HA2  . GLY A 1 9  ? 5.680   -2.491 1.877  1.00 0.07 0.136 0.158 0.147 0.00 0.04 ? 13 GLY A HA2  1 
ATOM   109 H HA3  . GLY A 1 9  ? 4.684   -3.648 2.756  1.00 0.07 0.151 0.164 0.147 0.00 0.05 ? 13 GLY A HA3  1 
ATOM   110 N N    . CYS A 1 10 ? 2.767   -2.332 0.749  1.00 0.06 0.009 0.011 0.010 0.00 0.00 ? 14 CYS A N    1 
ATOM   111 C CA   . CYS A 1 10 ? 1.986   -2.489 -0.454 1.00 0.06 0.011 0.013 0.013 0.00 0.00 ? 14 CYS A CA   1 
ATOM   112 C C    . CYS A 1 10 ? 2.798   -2.045 -1.667 1.00 0.06 0.012 0.014 0.013 0.00 0.00 ? 14 CYS A C    1 
ATOM   113 O O    . CYS A 1 10 ? 3.390   -0.978 -1.680 1.00 0.07 0.008 0.010 0.010 0.00 0.00 ? 14 CYS A O    1 
ATOM   114 C CB   . CYS A 1 10 ? 0.711   -1.604 -0.394 1.00 0.08 0.014 0.016 0.014 0.00 0.00 ? 14 CYS A CB   1 
ATOM   115 S SG   . CYS A 1 10 ? -0.542  -2.129 0.788  1.00 0.07 0.003 0.005 0.003 0.00 0.00 ? 14 CYS A SG   1 
ATOM   116 H H    . CYS A 1 10 ? 2.463   -1.717 1.459  1.00 0.06 0.135 0.138 0.132 0.00 0.04 ? 14 CYS A H    1 
ATOM   117 H HA   . CYS A 1 10 ? 1.711   -3.517 -0.528 1.00 0.06 0.138 0.149 0.138 0.00 0.04 ? 14 CYS A HA   1 
ATOM   118 H HB2  . CYS A 1 10 ? 1.013   -0.593 -0.134 1.00 0.08 0.149 0.169 0.144 0.00 0.05 ? 14 CYS A HB2  1 
ATOM   119 H HB3  . CYS A 1 10 ? 0.257   -1.593 -1.379 1.00 0.07 0.141 0.151 0.141 0.00 0.05 ? 14 CYS A HB3  1 
ATOM   120 N N    . ALA A 1 11 ? 2.768   -2.891 -2.712 1.00 0.07 0.010 0.012 0.012 0.00 0.00 ? 15 ALA A N    1 
ATOM   121 C CA   . ALA A 1 11 ? 3.499   -2.591 -3.914 1.00 0.07 0.012 0.015 0.017 0.00 0.00 ? 15 ALA A CA   1 
ATOM   122 C C    . ALA A 1 11 ? 2.941   -1.249 -4.577 1.00 0.13 0.017 0.027 0.032 0.00 0.00 ? 15 ALA A C    1 
ATOM   123 O O    . ALA A 1 11 ? 1.667   -1.168 -4.692 1.00 0.19 0.022 0.020 0.018 0.00 0.00 ? 15 ALA A O    1 
ATOM   124 C CB   . ALA A 1 11 ? 3.337   -3.768 -4.894 1.00 0.11 0.017 0.022 0.028 0.00 0.00 ? 15 ALA A CB   1 
ATOM   125 H H    . ALA A 1 11 ? 2.233   -3.748 -2.647 1.00 0.07 0.154 0.165 0.154 0.00 0.05 ? 15 ALA A H    1 
ATOM   126 H HA   . ALA A 1 11 ? 4.534   -2.440 -3.683 1.00 0.08 0.154 0.167 0.163 0.00 0.05 ? 15 ALA A HA   1 
ATOM   127 H HB1  . ALA A 1 11 ? 3.684   -4.689 -4.441 1.00 0.12 0.200 0.228 0.205 0.00 0.08 ? 15 ALA A HB1  1 
ATOM   128 H HB2  . ALA A 1 11 ? 2.233   -3.883 -5.130 1.00 0.12 0.191 0.221 0.196 0.00 0.08 ? 15 ALA A HB2  1 
ATOM   129 H HB3  . ALA A 1 11 ? 3.847   -3.555 -5.819 1.00 0.12 0.203 0.210 0.199 0.00 0.07 ? 15 ALA A HB3  1 
ATOM   130 N N    . GLY A 1 12 ? 3.819   -0.364 -4.915 1.00 0.12 0.015 0.016 0.028 0.00 0.00 ? 16 GLY A N    1 
ATOM   131 C CA   . GLY A 1 12 ? 3.135   0.852  -5.403 1.00 0.15 0.021 0.023 0.044 0.00 0.00 ? 16 GLY A CA   1 
ATOM   132 C C    . GLY A 1 12 ? 2.876   1.942  -4.366 1.00 0.08 0.015 0.016 0.017 0.00 0.00 ? 16 GLY A C    1 
ATOM   133 O O    . GLY A 1 12 ? 2.560   3.054  -4.732 1.00 0.10 0.011 0.011 0.012 0.00 0.00 ? 16 GLY A O    1 
ATOM   134 H H    . GLY A 1 12 ? 4.922   -0.461 -4.813 1.00 0.14 0.224 0.249 0.229 0.00 0.11 ? 16 GLY A H    1 
ATOM   135 H HA2  . GLY A 1 12 ? 3.715   1.279  -6.153 1.00 0.15 0.240 0.255 0.238 0.00 0.10 ? 16 GLY A HA2  1 
ATOM   136 H HA3  . GLY A 1 12 ? 2.196   0.573  -5.806 1.00 0.15 0.264 0.280 0.260 0.00 0.13 ? 16 GLY A HA3  1 
ATOM   137 N N    . CYS A 1 13 ? 3.034   1.595  -3.091 1.00 0.07 0.011 0.012 0.012 0.00 0.00 ? 17 CYS A N    1 
ATOM   138 C CA   . CYS A 1 13 ? 2.925   2.567  -1.999 1.00 0.07 0.013 0.015 0.013 0.00 0.00 ? 17 CYS A CA   1 
ATOM   139 C C    . CYS A 1 13 ? 4.298   2.671  -1.317 1.00 0.09 0.019 0.018 0.016 0.00 0.00 ? 17 CYS A C    1 
ATOM   140 O O    . CYS A 1 13 ? 5.264   2.792  -2.068 1.00 0.16 0.018 0.018 0.013 0.00 0.00 ? 17 CYS A O    1 
ATOM   141 C CB   . CYS A 1 13 ? 1.894   2.096  -1.011 1.00 0.08 0.014 0.018 0.015 0.00 0.00 ? 17 CYS A CB   1 
ATOM   142 S SG   . CYS A 1 13 ? 0.239   1.917  -1.754 1.00 0.08 0.003 0.005 0.004 0.00 0.00 ? 17 CYS A SG   1 
ATOM   143 O OXT  . CYS A 1 13 ? 4.322   2.643  -0.037 1.00 0.13 0.013 0.017 0.013 0.00 0.00 ? 17 CYS A OXT  1 
ATOM   144 H H    . CYS A 1 13 ? 3.220   0.648  -2.867 1.00 0.07 0.152 0.168 0.153 0.00 0.05 ? 17 CYS A H    1 
ATOM   145 H HA   . CYS A 1 13 ? 2.631   3.532  -2.369 1.00 0.07 0.142 0.154 0.143 0.00 0.04 ? 17 CYS A HA   1 
ATOM   146 H HB2  . CYS A 1 13 ? 2.215   1.120  -0.605 1.00 0.08 0.159 0.173 0.158 0.00 0.05 ? 17 CYS A HB2  1 
ATOM   147 H HB3  . CYS A 1 13 ? 1.843   2.782  -0.214 1.00 0.08 0.150 0.163 0.140 0.00 0.05 ? 17 CYS A HB3  1 
HETATM 148 O O    . HOH B 2 .  ? -4.477  -5.420 0.925  1.00 0.22 0.021 0.021 0.019 0.00 0.00 ? 18 HOH A O    1 
HETATM 149 O O    . HOH B 2 .  ? -1.942  0.261  -4.540 1.00 0.25 0.018 0.032 0.020 0.00 0.00 ? 19 HOH A O    1 
HETATM 150 O O    . HOH B 2 .  ? -8.423  3.713  -3.918 1.00 0.10 0.012 0.013 0.010 0.00 0.00 ? 20 HOH A O    1 
HETATM 151 O O    . HOH B 2 .  ? -9.892  -2.253 1.399  1.00 0.13 0.015 0.014 0.013 0.00 0.00 ? 21 HOH A O    1 
HETATM 152 O O    . HOH B 2 .  ? -5.549  4.045  4.195  1.00 0.16 0.012 0.019 0.015 0.00 0.00 ? 22 HOH A O    1 
HETATM 153 O O    . HOH B 2 .  ? -0.816  -1.472 7.875  1.00 0.08 0.008 0.010 0.008 0.00 0.00 ? 23 HOH A O    1 
HETATM 154 O O    . HOH B 2 .  ? 3.911   -3.753 7.292  1.00 0.13 0.013 0.016 0.013 0.00 0.00 ? 24 HOH A O    1 
HETATM 155 O O    . HOH B 2 .  ? 6.211   -0.773 -0.740 1.00 0.65 0.036 0.032 0.046 0.00 0.00 ? 25 HOH A O    1 
HETATM 156 O O    . HOH B 2 .  ? -0.565  -1.929 -4.004 1.00 0.29 0.029 0.035 0.024 0.00 0.00 ? 26 HOH A O    1 
HETATM 157 O O    . HOH B 2 .  ? 2.806   3.448  -7.523 1.00 0.10 0.010 0.011 0.012 0.00 0.00 ? 27 HOH A O    1 
HETATM 158 O O    . HOH B 2 .  ? 6.388   2.441  1.614  1.00 0.11 0.011 0.013 0.010 0.00 0.00 ? 28 HOH A O    1 
HETATM 159 O O    . HOH B 2 .  ? 8.403   0.937  -1.951 1.00 1.39 0.054 0.071 0.040 0.00 0.03 ? 29 HOH A O    1 
HETATM 160 O O    . HOH B 2 .  ? -1.751  -3.454 -5.013 1.00 0.41 0.035 0.043 0.043 0.00 0.00 ? 30 HOH A O    1 
# 
loop_
_atom_site_anisotrop.id 
_atom_site_anisotrop.type_symbol 
_atom_site_anisotrop.pdbx_label_atom_id 
_atom_site_anisotrop.pdbx_label_alt_id 
_atom_site_anisotrop.pdbx_label_comp_id 
_atom_site_anisotrop.pdbx_label_asym_id 
_atom_site_anisotrop.pdbx_label_seq_id 
_atom_site_anisotrop.pdbx_PDB_ins_code 
_atom_site_anisotrop.U[1][1] 
_atom_site_anisotrop.U[2][2] 
_atom_site_anisotrop.U[3][3] 
_atom_site_anisotrop.U[1][2] 
_atom_site_anisotrop.U[1][3] 
_atom_site_anisotrop.U[2][3] 
_atom_site_anisotrop.U[1][1]_esd 
_atom_site_anisotrop.U[2][2]_esd 
_atom_site_anisotrop.U[3][3]_esd 
_atom_site_anisotrop.U[1][2]_esd 
_atom_site_anisotrop.U[1][3]_esd 
_atom_site_anisotrop.U[2][3]_esd 
_atom_site_anisotrop.pdbx_auth_seq_id 
_atom_site_anisotrop.pdbx_auth_comp_id 
_atom_site_anisotrop.pdbx_auth_asym_id 
_atom_site_anisotrop.pdbx_auth_atom_id 
1   C C1   . MPR A 1  ? 0.0583  0.0778 0.0639  -0.0163 -0.0497 0.0177  0.0004 0.0015 0.0005 0.0013 0.0008 0.0015 5  MPR A C1   
2   O O    . MPR A 1  ? 0.0685  0.0578 0.0633  -0.0079 -0.0398 0.0083  0.0002 0.0009 0.0004 0.0008 0.0005 0.0010 5  MPR A O    
3   C C2   . MPR A 1  ? 0.0573  0.1239 0.0623  -0.0430 -0.0488 0.0363  0.0005 0.0018 0.0006 0.0015 0.0010 0.0019 5  MPR A C2   
4   C C3   . MPR A 1  ? 0.0453  0.1271 0.0932  -0.0450 -0.0676 0.0595  0.0006 0.0018 0.0006 0.0017 0.0011 0.0018 5  MPR A C3   
5   S S3   . MPR A 1  ? 0.0479  0.1413 0.0734  -0.0758 -0.0711 0.0758  0.0001 0.0003 0.0002 0.0004 0.0003 0.0004 5  MPR A S3   
6   H H21  . MPR A 1  ? 0.0792  0.0792 0.0792  0.0000  0.0000  0.0000  0.0512 0.0512 0.0512 0.0000 0.0000 0.0000 5  MPR A H21  
7   H H22  . MPR A 1  ? 0.0801  0.0801 0.0801  0.0000  0.0000  0.0000  0.0493 0.0493 0.0493 0.0000 0.0000 0.0000 5  MPR A H22  
8   H H31  . MPR A 1  ? 0.0837  0.0837 0.0837  0.0000  0.0000  0.0000  0.0545 0.0545 0.0545 0.0000 0.0000 0.0000 5  MPR A H31  
9   H H32  . MPR A 1  ? 0.0848  0.0848 0.0848  0.0000  0.0000  0.0000  0.0510 0.0510 0.0510 0.0000 0.0000 0.0000 5  MPR A H32  
10  N N    . CYS A 2  ? 0.0532  0.0428 0.1131  -0.0149 -0.0630 0.0039  0.0003 0.0013 0.0004 0.0011 0.0006 0.0013 6  CYS A N    
11  C CA   . CYS A 2  ? 0.0470  0.0696 0.0758  -0.0114 -0.0549 -0.0044 0.0003 0.0017 0.0005 0.0012 0.0006 0.0015 6  CYS A CA   
12  C C    . CYS A 2  ? 0.0549  0.0713 0.0625  -0.0081 -0.0436 -0.0005 0.0003 0.0017 0.0005 0.0012 0.0006 0.0016 6  CYS A C    
13  O O    . CYS A 2  ? 0.0485  0.0766 0.0763  -0.0231 -0.0162 -0.0010 0.0002 0.0011 0.0004 0.0009 0.0005 0.0011 6  CYS A O    
14  C CB   . CYS A 2  ? 0.0571  0.0633 0.1142  0.0007  -0.0712 -0.0423 0.0003 0.0025 0.0005 0.0015 0.0006 0.0020 6  CYS A CB   
15  S SG   . CYS A 2  ? 0.0547  0.0556 0.1147  -0.0025 -0.0581 -0.0087 0.0001 0.0005 0.0001 0.0004 0.0002 0.0004 6  CYS A SG   
16  H H    . CYS A 2  ? 0.0691  0.0691 0.0691  0.0000  0.0000  0.0000  0.0472 0.0472 0.0472 0.0000 0.0000 0.0000 6  CYS A H    
17  H HA   . CYS A 2  ? 0.0625  0.0625 0.0625  0.0000  0.0000  0.0000  0.0395 0.0395 0.0395 0.0000 0.0000 0.0000 6  CYS A HA   
18  H HB2  . CYS A 2  ? 0.0778  0.0778 0.0778  0.0000  0.0000  0.0000  0.0464 0.0464 0.0464 0.0000 0.0000 0.0000 6  CYS A HB2  
19  H HB3  . CYS A 2  ? 0.0783  0.0783 0.0783  0.0000  0.0000  0.0000  0.0540 0.0540 0.0540 0.0000 0.0000 0.0000 6  CYS A HB3  
20  N N    . GLU A 3  ? 0.0458  0.0791 0.0591  -0.0186 -0.0412 0.0012  0.0002 0.0013 0.0004 0.0009 0.0005 0.0012 7  GLU A N    
21  C CA   . GLU A 3  ? 0.0579  0.0909 0.0504  -0.0122 -0.0552 0.0132  0.0003 0.0016 0.0005 0.0012 0.0006 0.0016 7  GLU A CA   
22  C C    . GLU A 3  ? 0.0496  0.0790 0.0628  -0.0207 -0.0593 0.0149  0.0003 0.0016 0.0005 0.0011 0.0006 0.0013 7  GLU A C    
23  O O    . GLU A 3  ? 0.1050  0.0804 0.0884  -0.0254 -0.1167 0.0420  0.0003 0.0011 0.0006 0.0010 0.0006 0.0013 7  GLU A O    
24  C CB   . GLU A 3  ? 0.0596  0.0976 0.0894  -0.0131 -0.0942 0.0129  0.0004 0.0020 0.0006 0.0015 0.0009 0.0019 7  GLU A CB   
25  C CG   . GLU A 3  ? 0.0528  0.0766 0.1139  -0.0092 -0.0900 0.0111  0.0004 0.0020 0.0006 0.0016 0.0009 0.0018 7  GLU A CG   
26  C CD   . GLU A 3  ? 0.0381  0.0745 0.1165  -0.0414 -0.0594 -0.0026 0.0004 0.0018 0.0006 0.0015 0.0008 0.0018 7  GLU A CD   
27  O OE1  . GLU A 3  ? 0.0561  0.0772 0.1286  -0.0193 -0.0496 0.0138  0.0003 0.0013 0.0004 0.0012 0.0006 0.0013 7  GLU A OE1  
28  O OE2  . GLU A 3  ? 0.0628  0.1163 0.1249  0.0025  -0.0214 0.0074  0.0004 0.0018 0.0004 0.0015 0.0006 0.0015 7  GLU A OE2  
29  H H    . GLU A 3  ? 0.0618  0.0618 0.0618  0.0000  0.0000  0.0000  0.0444 0.0444 0.0444 0.0000 0.0000 0.0000 7  GLU A H    
30  H HA   . GLU A 3  ? 0.0654  0.0654 0.0654  0.0000  0.0000  0.0000  0.0431 0.0431 0.0431 0.0000 0.0000 0.0000 7  GLU A HA   
31  H HB2  . GLU A 3  ? 0.0790  0.0790 0.0790  0.0000  0.0000  0.0000  0.0501 0.0501 0.0501 0.0000 0.0000 0.0000 7  GLU A HB2  
32  H HB3  . GLU A 3  ? 0.0786  0.0786 0.0786  0.0000  0.0000  0.0000  0.0488 0.0488 0.0488 0.0000 0.0000 0.0000 7  GLU A HB3  
33  H HG2  . GLU A 3  ? 0.0752  0.0752 0.0752  0.0000  0.0000  0.0000  0.0493 0.0493 0.0493 0.0000 0.0000 0.0000 7  GLU A HG2  
34  H HG3  . GLU A 3  ? 0.0757  0.0757 0.0757  0.0000  0.0000  0.0000  0.0447 0.0447 0.0447 0.0000 0.0000 0.0000 7  GLU A HG3  
35  H HE2  . GLU A 3  ? 0.1122  0.1122 0.1122  0.0000  0.0000  0.0000  0.0748 0.0748 0.0748 0.0000 0.0000 0.0000 7  GLU A HE2  
36  N N    . LEU A 4  ? 0.0433  0.0673 0.0487  -0.0238 -0.0387 0.0100  0.0002 0.0011 0.0004 0.0009 0.0005 0.0011 8  LEU A N    
37  C CA   . LEU A 4  ? 0.0440  0.0645 0.0634  -0.0228 -0.0517 0.0064  0.0003 0.0013 0.0005 0.0010 0.0006 0.0013 8  LEU A CA   
38  C C    . LEU A 4  ? 0.0378  0.0627 0.0489  -0.0198 -0.0285 0.0248  0.0003 0.0011 0.0004 0.0009 0.0006 0.0011 8  LEU A C    
39  O O    . LEU A 4  ? 0.0489  0.0611 0.0807  -0.0216 -0.0602 -0.0012 0.0002 0.0010 0.0003 0.0008 0.0004 0.0010 8  LEU A O    
40  C CB   . LEU A 4  ? 0.0356  0.1114 0.0776  -0.0201 -0.0158 -0.0290 0.0003 0.0025 0.0005 0.0015 0.0006 0.0018 8  LEU A CB   
41  C CG   . LEU A 4  ? 0.0336  0.1775 0.0917  -0.0397 -0.0186 -0.0371 0.0004 0.0037 0.0006 0.0021 0.0008 0.0026 8  LEU A CG   
42  C CD1  . LEU A 4  ? 0.0182  0.4705 0.0607  -0.1571 0.0190  -0.0155 0.0008 0.0104 0.0011 0.0049 0.0016 0.0062 8  LEU A CD1  
43  C CD2  . LEU A 4  ? 0.0751  0.1300 0.4175  0.0507  -0.1820 -0.1090 0.0016 0.0108 0.0011 0.0074 0.0022 0.0060 8  LEU A CD2  
44  H H    . LEU A 4  ? 0.0521  0.0521 0.0521  0.0000  0.0000  0.0000  0.0396 0.0396 0.0396 0.0000 0.0000 0.0000 8  LEU A H    
45  H HA   . LEU A 4  ? 0.0631  0.0631 0.0631  0.0000  0.0000  0.0000  0.0425 0.0425 0.0425 0.0000 0.0000 0.0000 8  LEU A HA   
46  H HB2  . LEU A 4  ? 0.0752  0.0752 0.0752  0.0000  0.0000  0.0000  0.0524 0.0524 0.0524 0.0000 0.0000 0.0000 8  LEU A HB2  
47  H HB3  . LEU A 4  ? 0.0764  0.0764 0.0764  0.0000  0.0000  0.0000  0.0463 0.0463 0.0463 0.0000 0.0000 0.0000 8  LEU A HB3  
48  H HG   . LEU A 4  ? 0.1038  0.1038 0.1038  0.0000  0.0000  0.0000  0.0604 0.0604 0.0604 0.0000 0.0000 0.0000 8  LEU A HG   
49  H HD11 . LEU A 4  ? 0.1902  0.1902 0.1902  0.0000  0.0000  0.0000  0.1176 0.1176 0.1176 0.0000 0.0000 0.0000 8  LEU A HD11 
50  H HD12 . LEU A 4  ? 0.1892  0.1892 0.1892  0.0000  0.0000  0.0000  0.1110 0.1110 0.1110 0.0000 0.0000 0.0000 8  LEU A HD12 
51  H HD13 . LEU A 4  ? 0.1916  0.1916 0.1916  0.0000  0.0000  0.0000  0.1766 0.1766 0.1766 0.0000 0.0000 0.0000 8  LEU A HD13 
52  H HD21 . LEU A 4  ? 0.2047  0.2047 0.2047  0.0000  0.0000  0.0000  0.1650 0.1650 0.1650 0.0000 0.0000 0.0000 8  LEU A HD21 
53  H HD22 . LEU A 4  ? 0.2018  0.2018 0.2018  0.0000  0.0000  0.0000  0.1124 0.1124 0.1124 0.0000 0.0000 0.0000 8  LEU A HD22 
54  H HD23 . LEU A 4  ? 0.2020  0.2020 0.2020  0.0000  0.0000  0.0000  0.1369 0.1369 0.1369 0.0000 0.0000 0.0000 8  LEU A HD23 
55  N N    . CYS A 5  ? 0.0419  0.0722 0.0488  -0.0207 -0.0322 0.0155  0.0003 0.0010 0.0004 0.0009 0.0005 0.0010 9  CYS A N    
56  C CA   . CYS A 5  ? 0.0346  0.0552 0.0605  -0.0137 -0.0352 0.0086  0.0003 0.0012 0.0004 0.0010 0.0006 0.0012 9  CYS A CA   
57  C C    . CYS A 5  ? 0.0457  0.0486 0.0669  -0.0188 -0.0504 0.0183  0.0003 0.0012 0.0005 0.0010 0.0006 0.0012 9  CYS A C    
58  O O    . CYS A 5  ? 0.0519  0.0751 0.0794  -0.0447 -0.0665 0.0218  0.0002 0.0009 0.0004 0.0008 0.0005 0.0010 9  CYS A O    
59  C CB   . CYS A 5  ? 0.0393  0.0586 0.0800  -0.0315 -0.0394 0.0155  0.0003 0.0012 0.0005 0.0011 0.0006 0.0013 9  CYS A CB   
60  S SG   . CYS A 5  ? 0.0543  0.1027 0.0500  -0.0354 -0.0321 0.0323  0.0001 0.0003 0.0001 0.0003 0.0002 0.0004 9  CYS A SG   
61  H H    . CYS A 5  ? 0.0547  0.0547 0.0547  0.0000  0.0000  0.0000  0.0381 0.0381 0.0381 0.0000 0.0000 0.0000 9  CYS A H    
62  H HA   . CYS A 5  ? 0.0499  0.0499 0.0499  0.0000  0.0000  0.0000  0.0355 0.0355 0.0355 0.0000 0.0000 0.0000 9  CYS A HA   
63  H HB2  . CYS A 5  ? 0.0596  0.0596 0.0596  0.0000  0.0000  0.0000  0.0412 0.0412 0.0412 0.0000 0.0000 0.0000 9  CYS A HB2  
64  H HB3  . CYS A 5  ? 0.0610  0.0610 0.0610  0.0000  0.0000  0.0000  0.0397 0.0397 0.0397 0.0000 0.0000 0.0000 9  CYS A HB3  
65  N N    . CYS A 6  ? 0.0454  0.0624 0.0554  -0.0259 -0.0432 0.0149  0.0002 0.0010 0.0004 0.0008 0.0005 0.0010 10 CYS A N    
66  C CA   . CYS A 6  ? 0.0461  0.0517 0.0480  -0.0018 -0.0228 0.0086  0.0003 0.0012 0.0004 0.0010 0.0005 0.0012 10 CYS A CA   
67  C C    . CYS A 6  ? 0.0454  0.0493 0.0718  -0.0263 -0.0321 0.0045  0.0003 0.0012 0.0005 0.0011 0.0006 0.0013 10 CYS A C    
68  O O    . CYS A 6  ? 0.0615  0.1002 0.0334  -0.0088 -0.0458 0.0200  0.0002 0.0010 0.0003 0.0008 0.0004 0.0010 10 CYS A O    
69  C CB   . CYS A 6  ? 0.0518  0.0565 0.0697  -0.0051 -0.0452 0.0185  0.0003 0.0013 0.0005 0.0011 0.0006 0.0013 10 CYS A CB   
70  S SG   . CYS A 6  ? 0.0432  0.0633 0.0897  -0.0281 -0.0453 0.0241  0.0001 0.0003 0.0001 0.0003 0.0002 0.0003 10 CYS A SG   
71  H H    . CYS A 6  ? 0.0520  0.0520 0.0520  0.0000  0.0000  0.0000  0.0385 0.0385 0.0385 0.0000 0.0000 0.0000 10 CYS A H    
72  H HA   . CYS A 6  ? 0.0511  0.0511 0.0511  0.0000  0.0000  0.0000  0.0368 0.0368 0.0368 0.0000 0.0000 0.0000 10 CYS A HA   
73  H HB2  . CYS A 6  ? 0.0599  0.0599 0.0599  0.0000  0.0000  0.0000  0.0409 0.0409 0.0409 0.0000 0.0000 0.0000 10 CYS A HB2  
74  H HB3  . CYS A 6  ? 0.0591  0.0591 0.0591  0.0000  0.0000  0.0000  0.0393 0.0393 0.0393 0.0000 0.0000 0.0000 10 CYS A HB3  
75  N N    . ASN A 7  ? 0.0387  0.0657 0.0516  -0.0124 -0.0309 0.0036  0.0002 0.0011 0.0004 0.0009 0.0005 0.0010 11 ASN A N    
76  C CA   . ASN A 7  ? 0.0452  0.0473 0.0547  -0.0081 -0.0364 0.0082  0.0003 0.0011 0.0004 0.0009 0.0005 0.0012 11 ASN A CA   
77  C C    . ASN A 7  ? 0.0553  0.0401 0.0643  -0.0008 -0.0414 0.0005  0.0003 0.0012 0.0005 0.0010 0.0006 0.0013 11 ASN A C    
78  O O    . ASN A 7  ? 0.0503  0.0839 0.0455  -0.0170 -0.0433 0.0124  0.0002 0.0009 0.0003 0.0008 0.0004 0.0009 11 ASN A O    
79  C CB   . ASN A 7  ? 0.0581  0.0464 0.0926  -0.0228 -0.0688 0.0119  0.0004 0.0013 0.0006 0.0012 0.0008 0.0015 11 ASN A CB   
80  C CG   . ASN A 7  ? 0.0823  0.0203 0.1234  -0.0212 -0.0777 0.0032  0.0004 0.0013 0.0006 0.0013 0.0009 0.0017 11 ASN A CG   
81  O OD1  . ASN A 7  ? 0.0748  0.0773 0.1094  0.0062  -0.0090 0.0254  0.0004 0.0012 0.0004 0.0011 0.0006 0.0012 11 ASN A OD1  
82  N ND2  . ASN A 7  ? 0.1094  0.0988 0.0650  0.0081  -0.0755 0.0382  0.0004 0.0016 0.0006 0.0013 0.0009 0.0018 11 ASN A ND2  
83  H H    . ASN A 7  ? 0.0511  0.0511 0.0511  0.0000  0.0000  0.0000  0.0379 0.0379 0.0379 0.0000 0.0000 0.0000 11 ASN A H    
84  H HA   . ASN A 7  ? 0.0482  0.0482 0.0482  0.0000  0.0000  0.0000  0.0352 0.0352 0.0352 0.0000 0.0000 0.0000 11 ASN A HA   
85  H HB2  . ASN A 7  ? 0.0659  0.0659 0.0659  0.0000  0.0000  0.0000  0.0439 0.0439 0.0439 0.0000 0.0000 0.0000 11 ASN A HB2  
86  H HB3  . ASN A 7  ? 0.0657  0.0657 0.0657  0.0000  0.0000  0.0000  0.0419 0.0419 0.0419 0.0000 0.0000 0.0000 11 ASN A HB3  
87  H HD21 . ASN A 7  ? 0.1028  0.1028 0.1028  0.0000  0.0000  0.0000  0.0633 0.0633 0.0633 0.0000 0.0000 0.0000 11 ASN A HD21 
88  H HD22 . ASN A 7  ? 0.1030  0.1030 0.1030  0.0000  0.0000  0.0000  0.0635 0.0635 0.0635 0.0000 0.0000 0.0000 11 ASN A HD22 
89  N N    . PRO A 8  ? 0.0426  0.0581 0.0716  -0.0279 -0.0567 0.0068  0.0002 0.0011 0.0004 0.0008 0.0005 0.0011 12 PRO A N    
90  C CA   . PRO A 8  ? 0.0527  0.0850 0.0664  -0.0577 -0.0412 0.0070  0.0003 0.0015 0.0006 0.0012 0.0006 0.0016 12 PRO A CA   
91  C C    . PRO A 8  ? 0.0297  0.0972 0.0564  -0.0214 -0.0427 0.0144  0.0003 0.0017 0.0004 0.0012 0.0006 0.0013 12 PRO A C    
92  O O    . PRO A 8  ? 0.0488  0.1345 0.0451  -0.0445 -0.0099 0.0252  0.0003 0.0012 0.0004 0.0010 0.0005 0.0012 12 PRO A O    
93  C CB   . PRO A 8  ? 0.0481  0.1586 0.1003  -0.0915 -0.0680 0.0022  0.0005 0.0029 0.0009 0.0020 0.0011 0.0027 12 PRO A CB   
94  C CG   . PRO A 8  ? 0.0039  0.8545 -0.0557 -0.4449 -0.1869 0.2919  0.0017 0.0077 0.0025 0.0070 0.0041 0.0082 12 PRO A CG   
95  C CD   . PRO A 8  ? 0.0666  0.1056 0.0513  -0.0441 -0.0677 0.0255  0.0003 0.0017 0.0006 0.0013 0.0008 0.0018 12 PRO A CD   
96  H HA   . PRO A 8  ? 0.0673  0.0673 0.0673  0.0000  0.0000  0.0000  0.0450 0.0450 0.0450 0.0000 0.0000 0.0000 12 PRO A HA   
97  H HB2  . PRO A 8  ? 0.0958  0.0958 0.0958  0.0000  0.0000  0.0000  0.0616 0.0616 0.0616 0.0000 0.0000 0.0000 12 PRO A HB2  
98  H HB3  . PRO A 8  ? 0.0961  0.0961 0.0961  0.0000  0.0000  0.0000  0.0620 0.0620 0.0620 0.0000 0.0000 0.0000 12 PRO A HB3  
99  H HG2  . PRO A 8  ? 0.1890  0.1890 0.1890  0.0000  0.0000  0.0000  0.1030 0.1030 0.1030 0.0000 0.0000 0.0000 12 PRO A HG2  
100 H HG3  . PRO A 8  ? 0.1975  0.1975 0.1975  0.0000  0.0000  0.0000  0.1695 0.1695 0.1695 0.0000 0.0000 0.0000 12 PRO A HG3  
101 H HD2  . PRO A 8  ? 0.0705  0.0705 0.0705  0.0000  0.0000  0.0000  0.0464 0.0464 0.0464 0.0000 0.0000 0.0000 12 PRO A HD2  
102 H HD3  . PRO A 8  ? 0.0709  0.0709 0.0709  0.0000  0.0000  0.0000  0.0461 0.0461 0.0461 0.0000 0.0000 0.0000 12 PRO A HD3  
103 N N    . GLY A 9  ? 0.0483  0.0623 0.0626  -0.0054 -0.0348 0.0118  0.0003 0.0012 0.0004 0.0010 0.0005 0.0011 13 GLY A N    
104 C CA   . GLY A 9  ? 0.0651  0.0858 0.0582  0.0039  -0.0318 0.0030  0.0003 0.0019 0.0006 0.0013 0.0006 0.0018 13 GLY A CA   
105 C C    . GLY A 9  ? 0.0757  0.0555 0.0614  -0.0086 -0.0251 -0.0053 0.0003 0.0013 0.0006 0.0011 0.0006 0.0016 13 GLY A C    
106 O O    . GLY A 9  ? 0.1217  0.0939 0.0936  0.0499  -0.0491 -0.0337 0.0003 0.0020 0.0005 0.0012 0.0006 0.0018 13 GLY A O    
107 H H    . GLY A 9  ? 0.0585  0.0585 0.0585  0.0000  0.0000  0.0000  0.0419 0.0419 0.0419 0.0000 0.0000 0.0000 13 GLY A H    
108 H HA2  . GLY A 9  ? 0.0723  0.0723 0.0723  0.0000  0.0000  0.0000  0.0449 0.0449 0.0449 0.0000 0.0000 0.0000 13 GLY A HA2  
109 H HA3  . GLY A 9  ? 0.0714  0.0714 0.0714  0.0000  0.0000  0.0000  0.0473 0.0473 0.0473 0.0000 0.0000 0.0000 13 GLY A HA3  
110 N N    . CYS A 10 ? 0.0532  0.0483 0.0691  0.0046  -0.0407 -0.0127 0.0002 0.0012 0.0004 0.0009 0.0005 0.0012 14 CYS A N    
111 C CA   . CYS A 10 ? 0.0649  0.0553 0.0625  -0.0177 -0.0463 0.0040  0.0003 0.0013 0.0005 0.0011 0.0006 0.0015 14 CYS A CA   
112 C C    . CYS A 10 ? 0.0621  0.0683 0.0636  -0.0174 -0.0401 0.0012  0.0003 0.0016 0.0006 0.0012 0.0006 0.0016 14 CYS A C    
113 O O    . CYS A 10 ? 0.0717  0.0789 0.0716  -0.0493 -0.0389 0.0094  0.0002 0.0010 0.0005 0.0009 0.0005 0.0011 14 CYS A O    
114 C CB   . CYS A 10 ? 0.0686  0.1011 0.0581  -0.0146 -0.0566 0.0178  0.0004 0.0018 0.0006 0.0013 0.0008 0.0018 14 CYS A CB   
115 S SG   . CYS A 10 ? 0.0474  0.1098 0.0549  -0.0165 -0.0426 0.0076  0.0001 0.0005 0.0001 0.0003 0.0002 0.0004 14 CYS A SG   
116 H H    . CYS A 10 ? 0.0580  0.0580 0.0580  0.0000  0.0000  0.0000  0.0400 0.0400 0.0400 0.0000 0.0000 0.0000 14 CYS A H    
117 H HA   . CYS A 10 ? 0.0618  0.0618 0.0618  0.0000  0.0000  0.0000  0.0415 0.0415 0.0415 0.0000 0.0000 0.0000 14 CYS A HA   
118 H HB2  . CYS A 10 ? 0.0762  0.0762 0.0762  0.0000  0.0000  0.0000  0.0483 0.0483 0.0483 0.0000 0.0000 0.0000 14 CYS A HB2  
119 H HB3  . CYS A 10 ? 0.0748  0.0748 0.0748  0.0000  0.0000  0.0000  0.0453 0.0453 0.0453 0.0000 0.0000 0.0000 14 CYS A HB3  
120 N N    . ALA A 11 ? 0.0839  0.0675 0.0609  -0.0314 -0.0478 0.0043  0.0003 0.0013 0.0006 0.0010 0.0006 0.0013 15 ALA A N    
121 C CA   . ALA A 11 ? 0.0944  0.0730 0.0535  -0.0004 -0.0303 -0.0083 0.0003 0.0018 0.0006 0.0013 0.0006 0.0020 15 ALA A CA   
122 C C    . ALA A 11 ? 0.2123  0.1089 0.0616  0.0684  -0.1046 -0.0046 0.0004 0.0039 0.0017 0.0021 0.0013 0.0046 15 ALA A C    
123 O O    . ALA A 11 ? 0.1414  0.2405 0.1879  0.0929  -0.1273 0.1039  0.0010 0.0034 0.0008 0.0029 0.0013 0.0029 15 ALA A O    
124 C CB   . ALA A 11 ? 0.1657  0.0911 0.0698  -0.0199 -0.0482 -0.0034 0.0004 0.0025 0.0015 0.0017 0.0013 0.0034 15 ALA A CB   
125 H H    . ALA A 11 ? 0.0714  0.0714 0.0714  0.0000  0.0000  0.0000  0.0488 0.0488 0.0488 0.0000 0.0000 0.0000 15 ALA A H    
126 H HA   . ALA A 11 ? 0.0800  0.0800 0.0800  0.0000  0.0000  0.0000  0.0523 0.0523 0.0523 0.0000 0.0000 0.0000 15 ALA A HA   
127 H HB1  . ALA A 11 ? 0.1213  0.1213 0.1213  0.0000  0.0000  0.0000  0.0756 0.0756 0.0756 0.0000 0.0000 0.0000 15 ALA A HB1  
128 H HB2  . ALA A 11 ? 0.1215  0.1215 0.1215  0.0000  0.0000  0.0000  0.0821 0.0821 0.0821 0.0000 0.0000 0.0000 15 ALA A HB2  
129 H HB3  . ALA A 11 ? 0.1220  0.1220 0.1220  0.0000  0.0000  0.0000  0.0725 0.0725 0.0725 0.0000 0.0000 0.0000 15 ALA A HB3  
130 N N    . GLY A 12 ? 0.1967  0.1020 0.0591  -0.0673 -0.0600 0.0329  0.0004 0.0016 0.0017 0.0013 0.0013 0.0029 16 GLY A N    
131 C CA   . GLY A 12 ? 0.3107  0.0419 0.0893  0.0278  -0.1256 0.0194  0.0005 0.0024 0.0029 0.0018 0.0020 0.0042 16 GLY A CA   
132 C C    . GLY A 12 ? 0.1073  0.0672 0.0650  0.0103  -0.0303 0.0074  0.0004 0.0018 0.0008 0.0013 0.0009 0.0020 16 GLY A C    
133 O O    . GLY A 12 ? 0.1362  0.0683 0.0907  0.0197  -0.0591 0.0197  0.0003 0.0013 0.0006 0.0011 0.0006 0.0016 16 GLY A O    
134 H H    . GLY A 12 ? 0.1421  0.1421 0.1421  0.0000  0.0000  0.0000  0.1085 0.1085 0.1085 0.0000 0.0000 0.0000 16 GLY A H    
135 H HA2  . GLY A 12 ? 0.1546  0.1546 0.1546  0.0000  0.0000  0.0000  0.0967 0.0967 0.0967 0.0000 0.0000 0.0000 16 GLY A HA2  
136 H HA3  . GLY A 12 ? 0.1521  0.1521 0.1521  0.0000  0.0000  0.0000  0.1298 0.1298 0.1298 0.0000 0.0000 0.0000 16 GLY A HA3  
137 N N    . CYS A 13 ? 0.0892  0.0550 0.0626  -0.0042 -0.0345 0.0111  0.0003 0.0012 0.0006 0.0010 0.0006 0.0013 17 CYS A N    
138 C CA   . CYS A 13 ? 0.0583  0.0538 0.0833  -0.0200 -0.0274 -0.0058 0.0003 0.0016 0.0005 0.0012 0.0006 0.0016 17 CYS A CA   
139 C C    . CYS A 13 ? 0.0643  0.0422 0.1583  -0.0270 -0.0394 -0.0166 0.0005 0.0021 0.0006 0.0019 0.0011 0.0021 17 CYS A C    
140 O O    . CYS A 13 ? 0.0357  0.2018 0.2553  -0.0732 -0.0127 0.0041  0.0008 0.0031 0.0005 0.0026 0.0011 0.0023 17 CYS A O    
141 C CB   . CYS A 13 ? 0.0641  0.1092 0.0597  -0.0205 -0.0317 -0.0079 0.0003 0.0022 0.0006 0.0015 0.0006 0.0020 17 CYS A CB   
142 S SG   . CYS A 13 ? 0.0517  0.1075 0.0676  -0.0429 -0.0185 -0.0046 0.0001 0.0005 0.0001 0.0003 0.0002 0.0005 17 CYS A SG   
143 O OXT  . CYS A 13 ? 0.0991  0.1098 0.1875  -0.0216 -0.1316 -0.0227 0.0004 0.0024 0.0006 0.0018 0.0009 0.0022 17 CYS A OXT  
144 H H    . CYS A 13 ? 0.0720  0.0720 0.0720  0.0000  0.0000  0.0000  0.0487 0.0487 0.0487 0.0000 0.0000 0.0000 17 CYS A H    
145 H HA   . CYS A 13 ? 0.0666  0.0666 0.0666  0.0000  0.0000  0.0000  0.0449 0.0449 0.0449 0.0000 0.0000 0.0000 17 CYS A HA   
146 H HB2  . CYS A 13 ? 0.0795  0.0795 0.0795  0.0000  0.0000  0.0000  0.0526 0.0526 0.0526 0.0000 0.0000 0.0000 17 CYS A HB2  
147 H HB3  . CYS A 13 ? 0.0787  0.0787 0.0787  0.0000  0.0000  0.0000  0.0464 0.0464 0.0464 0.0000 0.0000 0.0000 17 CYS A HB3  
148 O O    . HOH B .  ? 0.1113  0.0983 0.4493  -0.0831 -0.2417 -0.0276 0.0009 0.0041 0.0011 0.0033 0.0017 0.0034 18 HOH A O    
149 O O    . HOH B .  ? 0.1253  0.5526 0.0768  -0.0944 -0.0717 0.0023  0.0006 0.0070 0.0012 0.0038 0.0013 0.0054 19 HOH A O    
150 O O    . HOH B .  ? 0.0824  0.1248 0.0974  0.0121  -0.0257 0.0219  0.0004 0.0016 0.0005 0.0013 0.0006 0.0015 20 HOH A O    
151 O O    . HOH B .  ? 0.0874  0.1754 0.1144  -0.0437 -0.0067 0.0504  0.0005 0.0018 0.0006 0.0016 0.0009 0.0018 21 HOH A O    
152 O O    . HOH B .  ? 0.1561  0.2430 0.0727  0.0465  -0.0479 -0.0186 0.0004 0.0036 0.0008 0.0020 0.0009 0.0029 22 HOH A O    
153 O O    . HOH B .  ? 0.0582  0.1289 0.0495  -0.0332 -0.0461 0.0321  0.0003 0.0012 0.0004 0.0009 0.0005 0.0012 23 HOH A O    
154 O O    . HOH B .  ? 0.0947  0.1256 0.1764  -0.0104 -0.0965 -0.0159 0.0004 0.0024 0.0006 0.0018 0.0008 0.0021 24 HOH A O    
155 O O    . HOH B .  ? 0.2345  1.7622 -0.0461 -1.3206 -0.5943 0.7112  0.0022 0.0080 0.0052 0.0075 0.0064 0.0116 25 HOH A O    
156 O O    . HOH B .  ? 0.1749  0.6985 0.0068  -0.0221 -0.0680 0.1557  0.0013 0.0080 0.0013 0.0055 0.0021 0.0059 26 HOH A O    
157 O O    . HOH B .  ? 0.1102  0.0611 0.1226  -0.0429 -0.0695 -0.0025 0.0003 0.0013 0.0006 0.0010 0.0006 0.0015 27 HOH A O    
158 O O    . HOH B .  ? 0.0752  0.0840 0.1583  -0.0246 -0.0484 -0.0006 0.0004 0.0016 0.0005 0.0013 0.0006 0.0015 28 HOH A O    
159 O O    . HOH B .  ? -0.3491 5.6339 -1.1214 -1.5837 -0.2596 1.4570  0.0049 0.0389 0.0041 0.0259 0.0087 0.0233 29 HOH A O    
160 O O    . HOH B .  ? 0.5145  0.3323 0.3745  0.1691  -0.4268 0.0152  0.0015 0.0114 0.0038 0.0069 0.0043 0.0113 30 HOH A O    
# 
loop_
_pdbx_poly_seq_scheme.asym_id 
_pdbx_poly_seq_scheme.entity_id 
_pdbx_poly_seq_scheme.seq_id 
_pdbx_poly_seq_scheme.mon_id 
_pdbx_poly_seq_scheme.ndb_seq_num 
_pdbx_poly_seq_scheme.pdb_seq_num 
_pdbx_poly_seq_scheme.auth_seq_num 
_pdbx_poly_seq_scheme.pdb_mon_id 
_pdbx_poly_seq_scheme.auth_mon_id 
_pdbx_poly_seq_scheme.pdb_strand_id 
_pdbx_poly_seq_scheme.pdb_ins_code 
_pdbx_poly_seq_scheme.hetero 
A 1 1  MPR 1  5  5  MPR MPR A . n 
A 1 2  CYS 2  6  6  CYS CYS A . n 
A 1 3  GLU 3  7  7  GLU GLU A . n 
A 1 4  LEU 4  8  8  LEU LEU A . n 
A 1 5  CYS 5  9  9  CYS CYS A . n 
A 1 6  CYS 6  10 10 CYS CYS A . n 
A 1 7  ASN 7  11 11 ASN ASN A . n 
A 1 8  PRO 8  12 12 PRO PRO A . n 
A 1 9  GLY 9  13 13 GLY GLY A . n 
A 1 10 CYS 10 14 14 CYS CYS A . n 
A 1 11 ALA 11 15 15 ALA ALA A . n 
A 1 12 GLY 12 16 16 GLY GLY A . n 
A 1 13 CYS 13 17 17 CYS CYS A . n 
# 
loop_
_pdbx_nonpoly_scheme.asym_id 
_pdbx_nonpoly_scheme.entity_id 
_pdbx_nonpoly_scheme.mon_id 
_pdbx_nonpoly_scheme.ndb_seq_num 
_pdbx_nonpoly_scheme.pdb_seq_num 
_pdbx_nonpoly_scheme.auth_seq_num 
_pdbx_nonpoly_scheme.pdb_mon_id 
_pdbx_nonpoly_scheme.auth_mon_id 
_pdbx_nonpoly_scheme.pdb_strand_id 
_pdbx_nonpoly_scheme.pdb_ins_code 
B 2 HOH 1  18 1  HOH HOH A . 
B 2 HOH 2  19 2  HOH HOH A . 
B 2 HOH 3  20 3  HOH HOH A . 
B 2 HOH 4  21 4  HOH HOH A . 
B 2 HOH 5  22 5  HOH HOH A . 
B 2 HOH 6  23 6  HOH HOH A . 
B 2 HOH 7  24 7  HOH HOH A . 
B 2 HOH 8  25 8  HOH HOH A . 
B 2 HOH 9  26 9  HOH HOH A . 
B 2 HOH 10 27 10 HOH HOH A . 
B 2 HOH 11 28 11 HOH HOH A . 
B 2 HOH 12 29 12 HOH HOH A . 
B 2 HOH 13 30 13 HOH HOH A . 
# 
_pdbx_struct_assembly.id                   1 
_pdbx_struct_assembly.details              author_defined_assembly 
_pdbx_struct_assembly.method_details       ? 
_pdbx_struct_assembly.oligomeric_details   monomeric 
_pdbx_struct_assembly.oligomeric_count     1 
# 
_pdbx_struct_assembly_gen.assembly_id       1 
_pdbx_struct_assembly_gen.oper_expression   1 
_pdbx_struct_assembly_gen.asym_id_list      A,B 
# 
_pdbx_struct_oper_list.id                   1 
_pdbx_struct_oper_list.type                 'identity operation' 
_pdbx_struct_oper_list.name                 1_555 
_pdbx_struct_oper_list.symmetry_operation   x,y,z 
_pdbx_struct_oper_list.matrix[1][1]         1.0000000000 
_pdbx_struct_oper_list.matrix[1][2]         0.0000000000 
_pdbx_struct_oper_list.matrix[1][3]         0.0000000000 
_pdbx_struct_oper_list.vector[1]            0.0000000000 
_pdbx_struct_oper_list.matrix[2][1]         0.0000000000 
_pdbx_struct_oper_list.matrix[2][2]         1.0000000000 
_pdbx_struct_oper_list.matrix[2][3]         0.0000000000 
_pdbx_struct_oper_list.vector[2]            0.0000000000 
_pdbx_struct_oper_list.matrix[3][1]         0.0000000000 
_pdbx_struct_oper_list.matrix[3][2]         0.0000000000 
_pdbx_struct_oper_list.matrix[3][3]         1.0000000000 
_pdbx_struct_oper_list.vector[3]            0.0000000000 
# 
loop_
_pdbx_audit_revision_history.ordinal 
_pdbx_audit_revision_history.data_content_type 
_pdbx_audit_revision_history.major_revision 
_pdbx_audit_revision_history.minor_revision 
_pdbx_audit_revision_history.revision_date 
1 'Structure model' 1 0 1996-01-29 
2 'Structure model' 1 1 2008-03-03 
3 'Structure model' 1 2 2011-07-13 
4 'Structure model' 1 3 2013-06-19 
5 'Structure model' 1 4 2017-11-29 
6 'Structure model' 1 5 2021-11-03 
# 
_pdbx_audit_revision_details.ordinal             1 
_pdbx_audit_revision_details.revision_ordinal    1 
_pdbx_audit_revision_details.data_content_type   'Structure model' 
_pdbx_audit_revision_details.provider            repository 
_pdbx_audit_revision_details.type                'Initial release' 
_pdbx_audit_revision_details.description         ? 
_pdbx_audit_revision_details.details             ? 
# 
loop_
_pdbx_audit_revision_group.ordinal 
_pdbx_audit_revision_group.revision_ordinal 
_pdbx_audit_revision_group.data_content_type 
_pdbx_audit_revision_group.group 
1 2 'Structure model' 'Version format compliance' 
2 3 'Structure model' 'Version format compliance' 
3 4 'Structure model' Other                       
4 5 'Structure model' 'Derived calculations'      
5 5 'Structure model' Other                       
6 6 'Structure model' 'Database references'       
7 6 'Structure model' 'Derived calculations'      
# 
loop_
_pdbx_audit_revision_category.ordinal 
_pdbx_audit_revision_category.revision_ordinal 
_pdbx_audit_revision_category.data_content_type 
_pdbx_audit_revision_category.category 
1 5 'Structure model' pdbx_database_status 
2 5 'Structure model' struct_conf          
3 5 'Structure model' struct_conf_type     
4 6 'Structure model' database_2           
5 6 'Structure model' struct_conn          
6 6 'Structure model' struct_ref_seq_dif   
# 
loop_
_pdbx_audit_revision_item.ordinal 
_pdbx_audit_revision_item.revision_ordinal 
_pdbx_audit_revision_item.data_content_type 
_pdbx_audit_revision_item.item 
1 5 'Structure model' '_pdbx_database_status.process_site'  
2 6 'Structure model' '_database_2.pdbx_DOI'                
3 6 'Structure model' '_database_2.pdbx_database_accession' 
4 6 'Structure model' '_struct_conn.pdbx_leaving_atom_flag' 
5 6 'Structure model' '_struct_ref_seq_dif.details'         
# 
_software.name             FMLS/VP 
_software.classification   refinement 
_software.version          . 
_software.citation_id      ? 
_software.pdbx_ordinal     1 
# 
_pdbx_entry_details.entry_id                 1ETL 
_pdbx_entry_details.compound_details         'IN SITE RECORDS BELOW, GLY 13 IS ALA 13 IN NATURAL TOXIN.' 
_pdbx_entry_details.source_details           ? 
_pdbx_entry_details.nonpolymer_details       ? 
_pdbx_entry_details.sequence_details         
;THE SEQUENCE IS BASED ON SEQUENCE FROM ENTEROTOXIGENIC
(ESCHERICHIA COLI, STRAIN 18D).  THE THIRTEEN RESIDUE
PEPTIDE CORRESPONDS TO RESIDUES 5 - 17, WITH ALA 13
REPLACED BY GLY.
;
_pdbx_entry_details.has_ligand_of_interest   ? 
# 
loop_
_pdbx_validate_close_contact.id 
_pdbx_validate_close_contact.PDB_model_num 
_pdbx_validate_close_contact.auth_atom_id_1 
_pdbx_validate_close_contact.auth_asym_id_1 
_pdbx_validate_close_contact.auth_comp_id_1 
_pdbx_validate_close_contact.auth_seq_id_1 
_pdbx_validate_close_contact.PDB_ins_code_1 
_pdbx_validate_close_contact.label_alt_id_1 
_pdbx_validate_close_contact.auth_atom_id_2 
_pdbx_validate_close_contact.auth_asym_id_2 
_pdbx_validate_close_contact.auth_comp_id_2 
_pdbx_validate_close_contact.auth_seq_id_2 
_pdbx_validate_close_contact.PDB_ins_code_2 
_pdbx_validate_close_contact.label_alt_id_2 
_pdbx_validate_close_contact.dist 
1 1 HE2 A GLU 7  ? ? O A HOH 21 ? ? 1.57 
2 1 O   A HOH 26 ? ? O A HOH 30 ? ? 2.18 
# 
_pdbx_validate_rmsd_bond.id                        1 
_pdbx_validate_rmsd_bond.PDB_model_num             1 
_pdbx_validate_rmsd_bond.auth_atom_id_1            CD 
_pdbx_validate_rmsd_bond.auth_asym_id_1            A 
_pdbx_validate_rmsd_bond.auth_comp_id_1            GLU 
_pdbx_validate_rmsd_bond.auth_seq_id_1             7 
_pdbx_validate_rmsd_bond.PDB_ins_code_1            ? 
_pdbx_validate_rmsd_bond.label_alt_id_1            ? 
_pdbx_validate_rmsd_bond.auth_atom_id_2            OE2 
_pdbx_validate_rmsd_bond.auth_asym_id_2            A 
_pdbx_validate_rmsd_bond.auth_comp_id_2            GLU 
_pdbx_validate_rmsd_bond.auth_seq_id_2             7 
_pdbx_validate_rmsd_bond.PDB_ins_code_2            ? 
_pdbx_validate_rmsd_bond.label_alt_id_2            ? 
_pdbx_validate_rmsd_bond.bond_value                1.353 
_pdbx_validate_rmsd_bond.bond_target_value         1.252 
_pdbx_validate_rmsd_bond.bond_deviation            0.101 
_pdbx_validate_rmsd_bond.bond_standard_deviation   0.011 
_pdbx_validate_rmsd_bond.linker_flag               N 
# 
_pdbx_validate_rmsd_angle.id                         1 
_pdbx_validate_rmsd_angle.PDB_model_num              1 
_pdbx_validate_rmsd_angle.auth_atom_id_1             C 
_pdbx_validate_rmsd_angle.auth_asym_id_1             A 
_pdbx_validate_rmsd_angle.auth_comp_id_1             ALA 
_pdbx_validate_rmsd_angle.auth_seq_id_1              15 
_pdbx_validate_rmsd_angle.PDB_ins_code_1             ? 
_pdbx_validate_rmsd_angle.label_alt_id_1             ? 
_pdbx_validate_rmsd_angle.auth_atom_id_2             N 
_pdbx_validate_rmsd_angle.auth_asym_id_2             A 
_pdbx_validate_rmsd_angle.auth_comp_id_2             GLY 
_pdbx_validate_rmsd_angle.auth_seq_id_2              16 
_pdbx_validate_rmsd_angle.PDB_ins_code_2             ? 
_pdbx_validate_rmsd_angle.label_alt_id_2             ? 
_pdbx_validate_rmsd_angle.auth_atom_id_3             CA 
_pdbx_validate_rmsd_angle.auth_asym_id_3             A 
_pdbx_validate_rmsd_angle.auth_comp_id_3             GLY 
_pdbx_validate_rmsd_angle.auth_seq_id_3              16 
_pdbx_validate_rmsd_angle.PDB_ins_code_3             ? 
_pdbx_validate_rmsd_angle.label_alt_id_3             ? 
_pdbx_validate_rmsd_angle.angle_value                109.59 
_pdbx_validate_rmsd_angle.angle_target_value         122.30 
_pdbx_validate_rmsd_angle.angle_deviation            -12.71 
_pdbx_validate_rmsd_angle.angle_standard_deviation   2.10 
_pdbx_validate_rmsd_angle.linker_flag                Y 
# 
_pdbx_entity_nonpoly.entity_id   2 
_pdbx_entity_nonpoly.name        water 
_pdbx_entity_nonpoly.comp_id     HOH 
# 
